data_4GNO
#
_entry.id   4GNO
#
_cell.length_a   60.792
_cell.length_b   84.111
_cell.length_c   118.564
_cell.angle_alpha   90.000
_cell.angle_beta   90.000
_cell.angle_gamma   90.000
#
_symmetry.space_group_name_H-M   'P 21 21 21'
#
loop_
_entity.id
_entity.type
_entity.pdbx_description
1 polymer 'Phosphoenolpyruvate carboxykinase, cytosolic [GTP]'
2 non-polymer "GUANOSINE-5'-TRIPHOSPHATE"
3 non-polymer 'MANGANESE (II) ION'
4 non-polymer 'SODIUM ION'
5 non-polymer SULFOPYRUVATE
6 non-polymer 'PENTAETHYLENE GLYCOL'
7 water water
#
_entity_poly.entity_id   1
_entity_poly.type   'polypeptide(L)'
_entity_poly.pdbx_seq_one_letter_code
;MPPQLHNGLDFSAKVIQGSLDSLPQEVRKFVEGNAQLCQPEYIHICDGSEEEYGRLLAHMQEEGVIRKLKKYDNCWLALT
DPRDVARIESKTVIITQEQRDTVPIPKSGQSQLGRWMSEEDFEKAFNARFPGCMKGRTMYVIPFSMGPLGSPLAKIGIEL
TDSPYVVASMRIMTRMGTSVLEALGDGEFIKCLHSVGCPLPLKKPLVNNWACNPELTLIAHLPDRREIISFGSGYGGNSL
LGKKCFALRIASRLAKEEGWLAEHMLILGITNPEGKKKYLAAAFPSACGKTNLAMMNPTLPGWKVECVGDDIAWMKFDAQ
GNLRAINPENGFFGVAPGTSVKTNPNAIKTIQKNTIFTNVAETSDGGVYWEGIDEPLAPGVTITSWKNKEWRPQDEEPCA
HPNSRFCTPASQCPIIDPAWESPEGVPIEGIIFGGRRPAGVPLVYEALSWQHGVFVGAAMRSEGGGIMHDPFAMRPFFGY
NFGKYLAHWLSMAHRPAAKLPKIFHVNWFRKDKNGKFLWPGFGENSRVLEWMFGRIEGEDSAKLTPIGYVPKEDALNLKG
LGDVNVEELFGISKEFWEKEVEEIDKYLEDQVNADLPYEIERELRALKQRISQM
;
_entity_poly.pdbx_strand_id   A
#
loop_
_chem_comp.id
_chem_comp.type
_chem_comp.name
_chem_comp.formula
1PE non-polymer 'PENTAETHYLENE GLYCOL' 'C10 H22 O6'
GTP non-polymer GUANOSINE-5'-TRIPHOSPHATE 'C10 H16 N5 O14 P3'
MN non-polymer 'MANGANESE (II) ION' 'Mn 2'
NA non-polymer 'SODIUM ION' 'Na 1'
SPV non-polymer SULFOPYRUVATE 'C3 H4 O6 S'
#
# COMPACT_ATOMS: atom_id res chain seq x y z
N PRO A 2 -37.67 2.18 -31.85
CA PRO A 2 -36.95 1.59 -30.72
C PRO A 2 -35.53 1.15 -31.12
N PRO A 3 -34.55 1.31 -30.20
CA PRO A 3 -33.14 1.05 -30.56
C PRO A 3 -32.71 -0.42 -30.51
N GLN A 4 -33.65 -1.35 -30.39
CA GLN A 4 -33.35 -2.79 -30.28
C GLN A 4 -34.47 -3.62 -30.90
N LEU A 5 -34.18 -4.87 -31.27
CA LEU A 5 -35.20 -5.74 -31.86
C LEU A 5 -35.86 -6.65 -30.84
N HIS A 6 -35.20 -6.78 -29.69
CA HIS A 6 -35.73 -7.56 -28.57
C HIS A 6 -35.68 -6.67 -27.37
N ASN A 7 -34.75 -6.90 -26.47
CA ASN A 7 -34.60 -5.94 -25.37
C ASN A 7 -33.18 -5.40 -25.29
N GLY A 8 -32.44 -5.52 -26.40
CA GLY A 8 -31.06 -5.07 -26.46
C GLY A 8 -30.22 -5.67 -25.34
N LEU A 9 -29.30 -4.87 -24.83
CA LEU A 9 -28.46 -5.34 -23.74
C LEU A 9 -28.88 -4.61 -22.46
N ASP A 10 -30.19 -4.33 -22.38
CA ASP A 10 -30.78 -3.59 -21.24
C ASP A 10 -31.01 -4.47 -20.00
N PHE A 11 -30.28 -4.18 -18.92
CA PHE A 11 -30.36 -4.98 -17.69
C PHE A 11 -31.22 -4.30 -16.61
N SER A 12 -32.04 -3.35 -17.02
CA SER A 12 -32.88 -2.57 -16.09
C SER A 12 -33.73 -3.45 -15.16
N ALA A 13 -34.24 -4.57 -15.68
CA ALA A 13 -35.13 -5.43 -14.89
C ALA A 13 -34.47 -6.04 -13.66
N LYS A 14 -33.13 -6.06 -13.64
CA LYS A 14 -32.42 -6.72 -12.54
CA LYS A 14 -32.36 -6.72 -12.58
C LYS A 14 -31.78 -5.73 -11.58
N VAL A 15 -32.06 -4.45 -11.80
CA VAL A 15 -31.53 -3.38 -10.93
C VAL A 15 -32.31 -3.28 -9.61
N ILE A 16 -31.62 -3.47 -8.48
CA ILE A 16 -32.31 -3.42 -7.21
C ILE A 16 -31.87 -2.24 -6.36
N GLN A 17 -30.95 -1.44 -6.89
CA GLN A 17 -30.54 -0.17 -6.24
C GLN A 17 -30.08 0.80 -7.33
N GLY A 18 -30.64 2.00 -7.28
CA GLY A 18 -30.37 3.00 -8.29
C GLY A 18 -31.07 2.78 -9.61
N SER A 19 -30.52 3.39 -10.65
CA SER A 19 -31.09 3.39 -11.97
C SER A 19 -29.98 3.44 -13.02
N LEU A 20 -30.04 2.52 -14.00
CA LEU A 20 -29.10 2.52 -15.12
C LEU A 20 -29.23 3.81 -15.93
N ASP A 21 -30.44 4.36 -15.97
CA ASP A 21 -30.68 5.60 -16.73
C ASP A 21 -29.96 6.79 -16.13
N SER A 22 -29.57 6.69 -14.86
CA SER A 22 -28.87 7.79 -14.15
C SER A 22 -27.40 7.84 -14.49
N LEU A 23 -26.84 6.72 -14.93
CA LEU A 23 -25.39 6.62 -15.15
C LEU A 23 -24.96 7.39 -16.37
N PRO A 24 -23.75 7.98 -16.32
CA PRO A 24 -23.14 8.50 -17.54
C PRO A 24 -23.07 7.39 -18.58
N GLN A 25 -23.20 7.75 -19.86
CA GLN A 25 -23.27 6.78 -20.95
C GLN A 25 -22.17 5.70 -20.95
N GLU A 26 -20.92 6.11 -20.79
CA GLU A 26 -19.82 5.16 -20.82
C GLU A 26 -19.79 4.27 -19.57
N VAL A 27 -20.28 4.79 -18.46
CA VAL A 27 -20.39 3.95 -17.27
C VAL A 27 -21.45 2.88 -17.50
N ARG A 28 -22.60 3.28 -18.06
CA ARG A 28 -23.67 2.31 -18.35
C ARG A 28 -23.17 1.23 -19.32
N LYS A 29 -22.43 1.64 -20.36
CA LYS A 29 -21.85 0.67 -21.28
C LYS A 29 -20.95 -0.35 -20.59
N PHE A 30 -20.13 0.12 -19.65
CA PHE A 30 -19.24 -0.77 -18.91
C PHE A 30 -20.05 -1.75 -18.04
N VAL A 31 -21.09 -1.24 -17.39
CA VAL A 31 -21.93 -2.06 -16.52
C VAL A 31 -22.70 -3.10 -17.34
N GLU A 32 -23.39 -2.65 -18.39
CA GLU A 32 -24.22 -3.56 -19.15
C GLU A 32 -23.40 -4.59 -19.94
N GLY A 33 -22.24 -4.17 -20.47
CA GLY A 33 -21.39 -5.15 -21.18
C GLY A 33 -20.92 -6.25 -20.24
N ASN A 34 -20.53 -5.84 -19.03
CA ASN A 34 -20.10 -6.84 -18.09
C ASN A 34 -21.19 -7.66 -17.42
N ALA A 35 -22.39 -7.10 -17.31
CA ALA A 35 -23.55 -7.85 -16.90
C ALA A 35 -23.88 -8.94 -17.95
N GLN A 36 -23.80 -8.58 -19.24
CA GLN A 36 -24.02 -9.57 -20.29
C GLN A 36 -22.99 -10.72 -20.15
N LEU A 37 -21.73 -10.37 -19.94
CA LEU A 37 -20.68 -11.38 -19.84
C LEU A 37 -20.82 -12.23 -18.57
N CYS A 38 -21.02 -11.57 -17.44
CA CYS A 38 -20.89 -12.25 -16.16
C CYS A 38 -22.20 -12.86 -15.66
N GLN A 39 -23.32 -12.35 -16.19
CA GLN A 39 -24.67 -12.86 -15.86
C GLN A 39 -25.08 -12.84 -14.36
N PRO A 40 -24.89 -11.68 -13.69
CA PRO A 40 -25.37 -11.56 -12.33
C PRO A 40 -26.92 -11.68 -12.28
N GLU A 41 -27.43 -12.09 -11.12
CA GLU A 41 -28.88 -12.15 -10.88
C GLU A 41 -29.45 -10.76 -10.64
N TYR A 42 -28.65 -9.91 -9.97
CA TYR A 42 -29.08 -8.58 -9.52
CA TYR A 42 -29.06 -8.55 -9.63
C TYR A 42 -27.97 -7.58 -9.87
N ILE A 43 -28.34 -6.32 -10.10
CA ILE A 43 -27.38 -5.23 -10.22
C ILE A 43 -27.69 -4.20 -9.13
N HIS A 44 -26.68 -3.88 -8.33
CA HIS A 44 -26.84 -2.89 -7.27
C HIS A 44 -25.92 -1.71 -7.58
N ILE A 45 -26.47 -0.54 -7.90
CA ILE A 45 -25.65 0.65 -8.16
C ILE A 45 -25.45 1.37 -6.85
N CYS A 46 -24.22 1.36 -6.35
CA CYS A 46 -23.96 1.86 -5.00
C CYS A 46 -24.10 3.39 -4.91
N ASP A 47 -24.74 3.83 -3.84
CA ASP A 47 -24.90 5.26 -3.63
C ASP A 47 -23.99 5.81 -2.54
N GLY A 48 -23.36 4.93 -1.78
CA GLY A 48 -22.40 5.32 -0.75
C GLY A 48 -23.06 5.80 0.54
N SER A 49 -24.39 5.77 0.57
CA SER A 49 -25.12 6.28 1.74
C SER A 49 -24.92 5.45 3.02
N GLU A 50 -25.14 6.08 4.16
CA GLU A 50 -25.16 5.31 5.40
C GLU A 50 -26.25 4.22 5.42
N GLU A 51 -27.41 4.54 4.84
CA GLU A 51 -28.52 3.61 4.77
C GLU A 51 -28.13 2.35 3.98
N GLU A 52 -27.54 2.57 2.82
CA GLU A 52 -27.04 1.46 2.01
C GLU A 52 -26.05 0.60 2.79
N TYR A 53 -25.11 1.26 3.48
CA TYR A 53 -24.05 0.57 4.22
C TYR A 53 -24.65 -0.32 5.31
N GLY A 54 -25.58 0.24 6.08
CA GLY A 54 -26.31 -0.53 7.10
C GLY A 54 -26.97 -1.78 6.53
N ARG A 55 -27.64 -1.62 5.38
CA ARG A 55 -28.35 -2.75 4.78
C ARG A 55 -27.34 -3.77 4.29
N LEU A 56 -26.20 -3.29 3.78
CA LEU A 56 -25.17 -4.18 3.25
C LEU A 56 -24.57 -5.02 4.38
N LEU A 57 -24.28 -4.37 5.50
CA LEU A 57 -23.74 -5.10 6.63
C LEU A 57 -24.75 -6.10 7.20
N ALA A 58 -26.03 -5.70 7.23
CA ALA A 58 -27.10 -6.60 7.65
C ALA A 58 -27.19 -7.82 6.74
N HIS A 59 -27.16 -7.59 5.44
CA HIS A 59 -27.17 -8.69 4.47
C HIS A 59 -26.04 -9.64 4.70
N MET A 60 -24.83 -9.12 4.85
CA MET A 60 -23.69 -10.00 5.09
C MET A 60 -23.78 -10.74 6.42
N GLN A 61 -24.29 -10.07 7.43
CA GLN A 61 -24.45 -10.69 8.73
C GLN A 61 -25.47 -11.82 8.63
N GLU A 62 -26.56 -11.57 7.91
CA GLU A 62 -27.64 -12.55 7.78
C GLU A 62 -27.17 -13.73 6.96
N GLU A 63 -26.25 -13.50 6.03
CA GLU A 63 -25.66 -14.56 5.19
CA GLU A 63 -25.71 -14.61 5.24
C GLU A 63 -24.51 -15.32 5.86
N GLY A 64 -24.04 -14.82 7.01
CA GLY A 64 -22.91 -15.48 7.70
C GLY A 64 -21.52 -15.15 7.14
N VAL A 65 -21.44 -14.15 6.27
CA VAL A 65 -20.19 -13.68 5.66
C VAL A 65 -19.35 -12.88 6.65
N ILE A 66 -20.00 -12.09 7.51
CA ILE A 66 -19.35 -11.35 8.59
C ILE A 66 -20.09 -11.57 9.89
N ARG A 67 -19.40 -11.33 11.00
CA ARG A 67 -20.01 -11.40 12.34
C ARG A 67 -19.84 -10.05 13.02
N LYS A 68 -20.84 -9.59 13.79
CA LYS A 68 -20.71 -8.35 14.56
C LYS A 68 -19.83 -8.59 15.78
N LEU A 69 -18.89 -7.65 16.03
CA LEU A 69 -18.05 -7.72 17.24
C LEU A 69 -18.72 -6.88 18.31
N LYS A 70 -19.39 -7.56 19.24
CA LYS A 70 -20.35 -6.87 20.12
C LYS A 70 -19.67 -5.98 21.16
N LYS A 71 -18.37 -6.16 21.40
CA LYS A 71 -17.65 -5.32 22.35
C LYS A 71 -17.51 -3.86 21.88
N TYR A 72 -17.56 -3.63 20.58
CA TYR A 72 -17.24 -2.31 20.01
C TYR A 72 -18.45 -1.67 19.32
N ASP A 73 -18.26 -0.44 18.84
CA ASP A 73 -19.28 0.33 18.12
C ASP A 73 -19.23 0.04 16.60
N ASN A 74 -20.20 -0.72 16.09
CA ASN A 74 -20.31 -0.98 14.64
C ASN A 74 -19.01 -1.57 14.06
N CYS A 75 -18.47 -2.57 14.73
CA CYS A 75 -17.31 -3.28 14.16
C CYS A 75 -17.65 -4.72 13.80
N TRP A 76 -16.91 -5.27 12.83
CA TRP A 76 -17.29 -6.50 12.15
C TRP A 76 -16.08 -7.34 11.89
N LEU A 77 -16.30 -8.63 11.80
CA LEU A 77 -15.26 -9.62 11.59
C LEU A 77 -15.58 -10.56 10.43
N ALA A 78 -14.62 -10.62 9.49
CA ALA A 78 -14.65 -11.61 8.40
C ALA A 78 -13.53 -12.61 8.58
N LEU A 79 -13.86 -13.91 8.46
CA LEU A 79 -12.84 -14.97 8.47
C LEU A 79 -12.81 -15.61 7.08
N THR A 80 -11.62 -15.71 6.47
CA THR A 80 -11.51 -16.17 5.08
C THR A 80 -11.15 -17.64 4.97
N ASP A 81 -11.32 -18.17 3.75
CA ASP A 81 -10.71 -19.43 3.36
C ASP A 81 -9.20 -19.23 3.48
N PRO A 82 -8.50 -20.18 4.14
CA PRO A 82 -7.06 -20.06 4.38
C PRO A 82 -6.21 -20.06 3.09
N ARG A 83 -6.83 -20.42 1.96
CA ARG A 83 -6.17 -20.28 0.65
C ARG A 83 -6.17 -18.84 0.12
N ASP A 84 -6.93 -17.96 0.77
CA ASP A 84 -7.10 -16.58 0.27
C ASP A 84 -6.91 -15.59 1.41
N VAL A 85 -5.65 -15.30 1.69
CA VAL A 85 -5.26 -14.58 2.91
C VAL A 85 -4.34 -13.38 2.65
N ALA A 86 -3.98 -13.13 1.42
CA ALA A 86 -3.06 -12.07 1.09
C ALA A 86 -3.12 -11.71 -0.36
N ARG A 87 -2.70 -10.48 -0.63
CA ARG A 87 -2.35 -10.07 -1.99
C ARG A 87 -1.35 -11.11 -2.50
N ILE A 88 -1.54 -11.60 -3.72
CA ILE A 88 -0.74 -12.72 -4.22
C ILE A 88 0.06 -12.35 -5.51
N GLU A 89 1.36 -12.12 -5.35
CA GLU A 89 2.21 -11.65 -6.47
CA GLU A 89 2.17 -11.66 -6.49
C GLU A 89 2.25 -12.62 -7.65
N SER A 90 2.30 -13.92 -7.35
CA SER A 90 2.50 -14.87 -8.42
C SER A 90 1.36 -14.90 -9.43
N LYS A 91 0.19 -14.38 -9.02
CA LYS A 91 -1.01 -14.38 -9.87
C LYS A 91 -1.28 -12.98 -10.39
N THR A 92 -0.33 -12.07 -10.25
CA THR A 92 -0.52 -10.66 -10.60
C THR A 92 0.28 -10.34 -11.85
N VAL A 93 -0.38 -9.79 -12.86
CA VAL A 93 0.29 -9.60 -14.16
C VAL A 93 -0.07 -8.26 -14.76
N ILE A 94 0.77 -7.76 -15.67
CA ILE A 94 0.48 -6.59 -16.47
C ILE A 94 0.59 -6.98 -17.93
N ILE A 95 -0.39 -6.54 -18.72
CA ILE A 95 -0.45 -6.86 -20.16
C ILE A 95 -0.07 -5.62 -20.95
N THR A 96 0.93 -5.77 -21.82
CA THR A 96 1.33 -4.72 -22.78
C THR A 96 1.73 -5.41 -24.07
N GLN A 97 1.80 -4.64 -25.14
CA GLN A 97 2.17 -5.22 -26.44
C GLN A 97 3.58 -5.80 -26.39
N GLU A 98 4.49 -5.10 -25.72
CA GLU A 98 5.89 -5.51 -25.62
C GLU A 98 6.25 -5.75 -24.16
N GLN A 99 6.88 -6.88 -23.90
CA GLN A 99 7.24 -7.29 -22.54
C GLN A 99 8.15 -6.26 -21.90
N ARG A 100 9.12 -5.78 -22.67
CA ARG A 100 10.10 -4.84 -22.12
C ARG A 100 9.48 -3.52 -21.66
N ASP A 101 8.30 -3.15 -22.15
CA ASP A 101 7.66 -1.96 -21.61
C ASP A 101 7.16 -2.12 -20.18
N THR A 102 6.94 -3.37 -19.79
CA THR A 102 6.39 -3.69 -18.46
C THR A 102 7.51 -4.03 -17.49
N VAL A 103 8.54 -4.71 -17.95
CA VAL A 103 9.62 -5.20 -17.09
CA VAL A 103 9.60 -5.22 -17.08
C VAL A 103 10.92 -5.29 -17.87
N PRO A 104 12.08 -5.01 -17.23
CA PRO A 104 13.32 -5.23 -17.97
C PRO A 104 13.52 -6.72 -18.21
N ILE A 105 14.26 -7.10 -19.26
CA ILE A 105 14.42 -8.50 -19.55
C ILE A 105 15.58 -9.05 -18.68
N PRO A 106 15.31 -10.01 -17.78
CA PRO A 106 16.37 -10.41 -16.85
C PRO A 106 17.38 -11.34 -17.50
N LYS A 107 18.67 -11.15 -17.22
CA LYS A 107 19.66 -12.05 -17.85
C LYS A 107 19.47 -13.51 -17.46
N SER A 108 19.02 -13.73 -16.23
CA SER A 108 18.85 -15.08 -15.71
C SER A 108 17.57 -15.75 -16.19
N GLY A 109 16.66 -14.99 -16.79
CA GLY A 109 15.38 -15.54 -17.19
C GLY A 109 14.31 -15.54 -16.10
N GLN A 110 14.62 -14.93 -14.95
CA GLN A 110 13.66 -14.89 -13.86
C GLN A 110 13.61 -13.45 -13.35
N SER A 111 12.57 -12.70 -13.71
CA SER A 111 12.44 -11.29 -13.24
C SER A 111 11.87 -11.21 -11.85
N GLN A 112 12.42 -10.30 -11.09
CA GLN A 112 11.92 -9.99 -9.76
C GLN A 112 11.09 -8.69 -9.81
N LEU A 113 10.98 -8.04 -10.98
CA LEU A 113 10.50 -6.64 -11.05
C LEU A 113 9.11 -6.46 -11.68
N GLY A 114 8.46 -7.58 -11.97
CA GLY A 114 7.12 -7.54 -12.58
C GLY A 114 6.87 -8.88 -13.21
N ARG A 115 5.71 -9.00 -13.84
CA ARG A 115 5.24 -10.28 -14.38
C ARG A 115 4.36 -9.92 -15.55
N TRP A 116 4.92 -10.01 -16.74
CA TRP A 116 4.20 -9.66 -17.95
C TRP A 116 3.41 -10.83 -18.50
N MET A 117 2.28 -10.51 -19.14
CA MET A 117 1.49 -11.53 -19.85
C MET A 117 1.10 -10.94 -21.20
N SER A 118 1.21 -11.73 -22.27
CA SER A 118 0.84 -11.18 -23.57
C SER A 118 -0.68 -10.95 -23.68
N GLU A 119 -1.10 -10.09 -24.61
CA GLU A 119 -2.52 -9.85 -24.82
C GLU A 119 -3.25 -11.16 -25.16
N GLU A 120 -2.61 -11.96 -26.01
CA GLU A 120 -3.17 -13.24 -26.46
C GLU A 120 -3.38 -14.22 -25.33
N ASP A 121 -2.36 -14.34 -24.46
CA ASP A 121 -2.50 -15.22 -23.32
C ASP A 121 -3.57 -14.73 -22.35
N PHE A 122 -3.64 -13.41 -22.18
CA PHE A 122 -4.66 -12.86 -21.28
C PHE A 122 -6.09 -13.08 -21.78
N GLU A 123 -6.30 -12.91 -23.09
CA GLU A 123 -7.66 -13.12 -23.62
C GLU A 123 -8.11 -14.55 -23.39
N LYS A 124 -7.19 -15.53 -23.55
CA LYS A 124 -7.52 -16.93 -23.27
C LYS A 124 -7.87 -17.15 -21.78
N ALA A 125 -7.04 -16.54 -20.92
CA ALA A 125 -7.27 -16.62 -19.48
C ALA A 125 -8.61 -16.00 -19.10
N PHE A 126 -8.89 -14.85 -19.68
CA PHE A 126 -10.13 -14.13 -19.43
C PHE A 126 -11.34 -14.96 -19.83
N ASN A 127 -11.28 -15.53 -21.05
CA ASN A 127 -12.42 -16.35 -21.52
C ASN A 127 -12.63 -17.64 -20.71
N ALA A 128 -11.58 -18.13 -20.04
CA ALA A 128 -11.69 -19.34 -19.22
C ALA A 128 -12.24 -19.06 -17.82
N ARG A 129 -12.50 -17.78 -17.55
CA ARG A 129 -12.84 -17.34 -16.18
C ARG A 129 -14.16 -16.57 -16.10
N PHE A 130 -14.28 -15.47 -16.83
CA PHE A 130 -15.39 -14.53 -16.62
C PHE A 130 -16.78 -14.87 -17.16
N PRO A 131 -16.89 -15.54 -18.33
CA PRO A 131 -18.24 -15.81 -18.82
C PRO A 131 -19.07 -16.57 -17.77
N GLY A 132 -20.22 -16.00 -17.39
CA GLY A 132 -21.12 -16.57 -16.39
C GLY A 132 -20.69 -16.55 -14.92
N CYS A 133 -19.57 -15.88 -14.66
CA CYS A 133 -18.95 -16.00 -13.34
C CYS A 133 -19.78 -15.45 -12.17
N MET A 134 -20.73 -14.53 -12.46
CA MET A 134 -21.56 -13.96 -11.39
C MET A 134 -22.97 -14.54 -11.29
N LYS A 135 -23.18 -15.68 -11.94
CA LYS A 135 -24.52 -16.28 -11.94
C LYS A 135 -25.02 -16.47 -10.51
N GLY A 136 -26.22 -15.96 -10.26
CA GLY A 136 -26.90 -16.13 -8.98
C GLY A 136 -26.47 -15.09 -7.95
N ARG A 137 -25.54 -14.20 -8.32
CA ARG A 137 -24.97 -13.20 -7.40
C ARG A 137 -25.40 -11.79 -7.79
N THR A 138 -25.10 -10.85 -6.90
CA THR A 138 -25.31 -9.44 -7.20
C THR A 138 -24.03 -8.84 -7.78
N MET A 139 -24.16 -8.13 -8.90
CA MET A 139 -23.08 -7.26 -9.37
C MET A 139 -23.28 -5.89 -8.76
N TYR A 140 -22.36 -5.51 -7.88
CA TYR A 140 -22.38 -4.16 -7.32
C TYR A 140 -21.54 -3.25 -8.17
N VAL A 141 -22.03 -2.04 -8.37
CA VAL A 141 -21.35 -1.03 -9.16
C VAL A 141 -20.85 0.03 -8.16
N ILE A 142 -19.52 0.10 -7.97
CA ILE A 142 -18.92 1.02 -6.99
C ILE A 142 -18.26 2.19 -7.73
N PRO A 143 -18.87 3.39 -7.68
CA PRO A 143 -18.20 4.52 -8.32
C PRO A 143 -17.32 5.13 -7.24
N PHE A 144 -16.01 5.21 -7.49
CA PHE A 144 -15.12 5.67 -6.43
C PHE A 144 -14.08 6.70 -6.92
N SER A 145 -13.65 7.56 -6.00
CA SER A 145 -12.57 8.51 -6.28
C SER A 145 -11.36 8.15 -5.44
N MET A 146 -10.21 8.08 -6.11
CA MET A 146 -8.91 8.00 -5.44
C MET A 146 -8.43 9.44 -5.34
N GLY A 147 -8.36 9.92 -4.11
CA GLY A 147 -8.03 11.31 -3.87
C GLY A 147 -9.32 12.02 -3.48
N PRO A 148 -9.16 13.16 -2.81
CA PRO A 148 -10.26 13.99 -2.39
C PRO A 148 -11.18 14.31 -3.56
N LEU A 149 -12.49 14.24 -3.31
CA LEU A 149 -13.45 14.37 -4.38
C LEU A 149 -13.28 15.73 -5.07
N GLY A 150 -12.99 15.71 -6.38
CA GLY A 150 -12.80 16.95 -7.13
C GLY A 150 -11.41 17.59 -7.12
N SER A 151 -10.47 16.99 -6.40
CA SER A 151 -9.07 17.45 -6.38
C SER A 151 -8.49 17.31 -7.78
N PRO A 152 -7.66 18.28 -8.20
CA PRO A 152 -7.05 18.16 -9.52
C PRO A 152 -6.14 16.94 -9.63
N LEU A 153 -5.72 16.39 -8.49
CA LEU A 153 -4.85 15.24 -8.48
C LEU A 153 -5.63 13.92 -8.39
N ALA A 154 -6.94 13.99 -8.15
CA ALA A 154 -7.78 12.79 -7.96
C ALA A 154 -8.14 12.10 -9.28
N LYS A 155 -8.44 10.81 -9.20
CA LYS A 155 -8.83 10.02 -10.38
C LYS A 155 -9.96 9.10 -9.97
N ILE A 156 -10.92 8.94 -10.87
CA ILE A 156 -12.12 8.16 -10.59
C ILE A 156 -12.04 6.80 -11.29
N GLY A 157 -12.57 5.79 -10.59
CA GLY A 157 -12.75 4.46 -11.15
C GLY A 157 -14.18 3.98 -10.96
N ILE A 158 -14.53 2.91 -11.66
CA ILE A 158 -15.75 2.21 -11.39
C ILE A 158 -15.33 0.77 -11.16
N GLU A 159 -15.64 0.22 -9.99
CA GLU A 159 -15.39 -1.19 -9.73
C GLU A 159 -16.72 -1.97 -9.77
N LEU A 160 -16.76 -3.01 -10.62
CA LEU A 160 -17.84 -3.99 -10.60
C LEU A 160 -17.34 -5.15 -9.77
N THR A 161 -18.11 -5.58 -8.79
CA THR A 161 -17.73 -6.74 -7.98
C THR A 161 -18.96 -7.56 -7.60
N ASP A 162 -18.78 -8.85 -7.39
CA ASP A 162 -19.83 -9.65 -6.83
C ASP A 162 -19.71 -9.90 -5.32
N SER A 163 -18.79 -9.17 -4.70
CA SER A 163 -18.52 -9.33 -3.27
C SER A 163 -19.02 -8.16 -2.42
N PRO A 164 -19.98 -8.43 -1.52
CA PRO A 164 -20.41 -7.32 -0.65
C PRO A 164 -19.29 -6.94 0.36
N TYR A 165 -18.42 -7.89 0.68
CA TYR A 165 -17.23 -7.53 1.51
C TYR A 165 -16.39 -6.45 0.80
N VAL A 166 -16.21 -6.56 -0.51
CA VAL A 166 -15.46 -5.59 -1.27
C VAL A 166 -16.17 -4.24 -1.25
N VAL A 167 -17.49 -4.25 -1.41
CA VAL A 167 -18.25 -3.00 -1.37
C VAL A 167 -18.03 -2.27 -0.02
N ALA A 168 -18.23 -2.99 1.08
CA ALA A 168 -18.07 -2.39 2.42
C ALA A 168 -16.65 -1.82 2.57
N SER A 169 -15.67 -2.62 2.17
CA SER A 169 -14.28 -2.21 2.35
C SER A 169 -13.93 -1.04 1.42
N MET A 170 -14.44 -1.03 0.19
CA MET A 170 -14.21 0.11 -0.69
C MET A 170 -14.88 1.40 -0.17
N ARG A 171 -16.00 1.23 0.55
CA ARG A 171 -16.63 2.43 1.17
C ARG A 171 -15.67 3.10 2.18
N ILE A 172 -14.94 2.27 2.91
CA ILE A 172 -13.95 2.75 3.90
C ILE A 172 -12.69 3.27 3.19
N MET A 173 -12.19 2.49 2.22
CA MET A 173 -10.86 2.80 1.68
C MET A 173 -10.82 3.81 0.53
N THR A 174 -11.99 4.12 -0.04
CA THR A 174 -12.10 5.08 -1.13
C THR A 174 -13.29 6.02 -0.81
N ARG A 175 -13.42 7.10 -1.60
CA ARG A 175 -14.66 7.90 -1.56
C ARG A 175 -15.59 7.26 -2.56
N MET A 176 -16.76 6.79 -2.13
CA MET A 176 -17.61 6.16 -3.13
C MET A 176 -19.07 6.55 -3.02
N GLY A 177 -19.73 6.47 -4.16
CA GLY A 177 -21.18 6.65 -4.20
C GLY A 177 -21.64 7.68 -5.21
N THR A 178 -22.85 8.20 -4.99
CA THR A 178 -23.46 9.04 -6.02
C THR A 178 -22.67 10.31 -6.32
N SER A 179 -22.11 10.91 -5.28
CA SER A 179 -21.33 12.14 -5.44
C SER A 179 -20.18 11.93 -6.44
N VAL A 180 -19.63 10.71 -6.49
CA VAL A 180 -18.58 10.44 -7.43
C VAL A 180 -19.08 10.40 -8.86
N LEU A 181 -20.25 9.77 -9.08
CA LEU A 181 -20.84 9.71 -10.42
C LEU A 181 -21.11 11.12 -10.91
N GLU A 182 -21.54 11.98 -10.00
CA GLU A 182 -21.83 13.37 -10.33
C GLU A 182 -20.57 14.19 -10.63
N ALA A 183 -19.51 13.99 -9.85
CA ALA A 183 -18.21 14.58 -10.17
C ALA A 183 -17.67 14.02 -11.50
N LEU A 184 -17.91 12.74 -11.79
CA LEU A 184 -17.40 12.11 -13.01
C LEU A 184 -18.00 12.70 -14.30
N GLY A 185 -19.32 12.84 -14.31
CA GLY A 185 -20.04 13.19 -15.53
C GLY A 185 -19.60 12.33 -16.68
N ASP A 186 -19.29 12.95 -17.81
CA ASP A 186 -18.90 12.21 -18.99
C ASP A 186 -17.41 12.03 -19.16
N GLY A 187 -16.66 12.20 -18.07
CA GLY A 187 -15.20 12.10 -18.09
C GLY A 187 -14.68 10.66 -18.10
N GLU A 188 -13.36 10.53 -18.15
CA GLU A 188 -12.71 9.22 -18.21
C GLU A 188 -12.67 8.56 -16.83
N PHE A 189 -12.68 7.24 -16.80
CA PHE A 189 -12.57 6.53 -15.52
C PHE A 189 -11.80 5.24 -15.75
N ILE A 190 -11.16 4.74 -14.70
CA ILE A 190 -10.49 3.46 -14.77
CA ILE A 190 -10.50 3.45 -14.78
C ILE A 190 -11.56 2.37 -14.60
N LYS A 191 -11.55 1.42 -15.51
CA LYS A 191 -12.50 0.31 -15.53
CA LYS A 191 -12.52 0.33 -15.54
C LYS A 191 -11.99 -0.82 -14.69
N CYS A 192 -12.69 -1.14 -13.61
CA CYS A 192 -12.22 -2.19 -12.69
C CYS A 192 -13.24 -3.29 -12.56
N LEU A 193 -12.87 -4.53 -12.90
CA LEU A 193 -13.80 -5.64 -12.88
C LEU A 193 -13.26 -6.70 -11.95
N HIS A 194 -14.09 -7.13 -11.02
CA HIS A 194 -13.71 -8.14 -10.04
C HIS A 194 -14.78 -9.18 -9.85
N SER A 195 -14.39 -10.46 -9.79
CA SER A 195 -15.28 -11.52 -9.35
C SER A 195 -14.54 -12.49 -8.45
N VAL A 196 -15.26 -12.98 -7.44
CA VAL A 196 -14.76 -14.05 -6.58
C VAL A 196 -14.62 -15.39 -7.34
N GLY A 197 -15.26 -15.48 -8.52
CA GLY A 197 -15.06 -16.65 -9.37
C GLY A 197 -15.80 -17.92 -8.92
N CYS A 198 -16.91 -17.70 -8.22
CA CYS A 198 -17.75 -18.80 -7.73
C CYS A 198 -19.22 -18.65 -8.10
N PRO A 199 -19.54 -18.83 -9.39
CA PRO A 199 -20.94 -18.70 -9.78
C PRO A 199 -21.83 -19.75 -9.10
N LEU A 200 -23.09 -19.42 -8.88
CA LEU A 200 -24.06 -20.36 -8.31
C LEU A 200 -24.71 -21.15 -9.45
N PRO A 201 -25.00 -22.45 -9.25
CA PRO A 201 -24.72 -23.20 -8.02
C PRO A 201 -23.24 -23.53 -7.89
N LEU A 202 -22.76 -23.62 -6.67
CA LEU A 202 -21.33 -23.78 -6.45
C LEU A 202 -20.84 -25.09 -7.02
N LYS A 203 -19.72 -25.04 -7.73
CA LYS A 203 -19.12 -26.27 -8.27
C LYS A 203 -18.20 -26.91 -7.25
N LYS A 204 -17.69 -26.12 -6.31
CA LYS A 204 -16.74 -26.62 -5.32
C LYS A 204 -17.18 -26.14 -3.95
N PRO A 205 -16.80 -26.88 -2.88
CA PRO A 205 -17.25 -26.53 -1.53
C PRO A 205 -16.78 -25.14 -1.09
N LEU A 206 -17.68 -24.42 -0.42
CA LEU A 206 -17.40 -23.12 0.14
C LEU A 206 -16.76 -23.32 1.49
N VAL A 207 -15.64 -22.65 1.74
CA VAL A 207 -14.91 -22.82 2.99
C VAL A 207 -15.05 -21.54 3.79
N ASN A 208 -15.49 -21.66 5.04
CA ASN A 208 -15.68 -20.52 5.93
C ASN A 208 -16.52 -19.40 5.32
N ASN A 209 -17.53 -19.77 4.53
CA ASN A 209 -18.43 -18.79 3.94
C ASN A 209 -17.69 -17.74 3.17
N TRP A 210 -16.54 -18.11 2.58
CA TRP A 210 -15.66 -17.13 1.92
C TRP A 210 -15.42 -17.57 0.50
N ALA A 211 -16.18 -16.98 -0.42
CA ALA A 211 -16.11 -17.36 -1.83
C ALA A 211 -14.76 -16.93 -2.43
N CYS A 212 -14.08 -17.89 -3.05
CA CYS A 212 -12.81 -17.65 -3.75
C CYS A 212 -12.53 -18.80 -4.68
N ASN A 213 -11.62 -18.56 -5.62
CA ASN A 213 -11.25 -19.58 -6.58
C ASN A 213 -9.72 -19.57 -6.71
N PRO A 214 -9.04 -20.25 -5.79
CA PRO A 214 -7.59 -20.10 -5.74
C PRO A 214 -6.89 -20.54 -7.02
N GLU A 215 -7.35 -21.64 -7.61
CA GLU A 215 -6.68 -22.18 -8.81
C GLU A 215 -6.73 -21.25 -9.99
N LEU A 216 -7.79 -20.47 -10.09
CA LEU A 216 -7.92 -19.57 -11.22
C LEU A 216 -7.65 -18.11 -10.86
N THR A 217 -7.07 -17.86 -9.67
CA THR A 217 -6.86 -16.48 -9.28
C THR A 217 -5.90 -15.78 -10.24
N LEU A 218 -6.25 -14.57 -10.65
CA LEU A 218 -5.48 -13.82 -11.65
C LEU A 218 -5.84 -12.37 -11.45
N ILE A 219 -4.85 -11.53 -11.22
CA ILE A 219 -5.10 -10.09 -10.99
C ILE A 219 -4.36 -9.38 -12.13
N ALA A 220 -5.09 -8.88 -13.14
CA ALA A 220 -4.47 -8.39 -14.36
C ALA A 220 -4.69 -6.89 -14.56
N HIS A 221 -3.72 -6.24 -15.22
CA HIS A 221 -3.73 -4.79 -15.43
C HIS A 221 -3.48 -4.60 -16.88
N LEU A 222 -4.35 -3.82 -17.53
CA LEU A 222 -4.23 -3.55 -18.98
C LEU A 222 -4.15 -2.05 -19.11
N PRO A 223 -2.94 -1.47 -18.90
CA PRO A 223 -2.90 -0.01 -18.80
C PRO A 223 -3.26 0.66 -20.11
N ASP A 224 -2.98 0.00 -21.22
CA ASP A 224 -3.32 0.61 -22.52
C ASP A 224 -4.81 0.63 -22.81
N ARG A 225 -5.62 -0.07 -22.02
CA ARG A 225 -7.09 -0.05 -22.11
C ARG A 225 -7.70 0.61 -20.86
N ARG A 226 -6.83 1.04 -19.96
CA ARG A 226 -7.26 1.62 -18.66
C ARG A 226 -8.19 0.66 -17.90
N GLU A 227 -7.79 -0.60 -17.84
CA GLU A 227 -8.63 -1.65 -17.22
C GLU A 227 -7.80 -2.41 -16.21
N ILE A 228 -8.48 -2.80 -15.13
CA ILE A 228 -7.98 -3.76 -14.15
C ILE A 228 -9.01 -4.85 -14.06
N ILE A 229 -8.57 -6.11 -14.15
CA ILE A 229 -9.49 -7.25 -14.26
C ILE A 229 -8.97 -8.30 -13.29
N SER A 230 -9.73 -8.58 -12.24
CA SER A 230 -9.26 -9.44 -11.18
C SER A 230 -10.26 -10.54 -10.88
N PHE A 231 -9.76 -11.78 -10.79
CA PHE A 231 -10.62 -12.94 -10.63
C PHE A 231 -10.08 -13.87 -9.54
N GLY A 232 -10.99 -14.35 -8.69
CA GLY A 232 -10.71 -15.53 -7.85
C GLY A 232 -10.30 -15.24 -6.42
N SER A 233 -9.87 -14.01 -6.12
CA SER A 233 -9.54 -13.69 -4.69
C SER A 233 -10.47 -12.58 -4.19
N GLY A 234 -10.93 -12.74 -2.97
CA GLY A 234 -11.69 -11.67 -2.33
C GLY A 234 -10.90 -10.77 -1.40
N TYR A 235 -9.57 -10.99 -1.37
CA TYR A 235 -8.72 -10.37 -0.34
C TYR A 235 -8.00 -9.09 -0.74
N GLY A 236 -8.06 -8.07 0.14
CA GLY A 236 -7.10 -6.94 0.21
C GLY A 236 -6.72 -6.40 -1.18
N GLY A 237 -5.43 -6.37 -1.46
CA GLY A 237 -4.96 -5.77 -2.69
C GLY A 237 -5.37 -6.53 -3.95
N ASN A 238 -5.87 -7.76 -3.81
CA ASN A 238 -6.37 -8.48 -5.00
C ASN A 238 -7.77 -8.01 -5.37
N SER A 239 -8.56 -7.53 -4.41
CA SER A 239 -10.00 -7.31 -4.66
C SER A 239 -10.41 -5.84 -4.50
N LEU A 240 -9.69 -5.09 -3.66
CA LEU A 240 -10.02 -3.67 -3.47
C LEU A 240 -9.18 -2.95 -4.51
N LEU A 241 -9.75 -2.76 -5.68
CA LEU A 241 -8.92 -2.48 -6.86
C LEU A 241 -8.38 -1.06 -6.96
N GLY A 242 -8.93 -0.16 -6.11
CA GLY A 242 -8.45 1.23 -6.02
C GLY A 242 -7.03 1.35 -5.51
N LYS A 243 -6.68 0.44 -4.61
CA LYS A 243 -5.49 0.58 -3.75
C LYS A 243 -4.21 0.27 -4.51
N LYS A 244 -3.86 -1.01 -4.63
CA LYS A 244 -2.59 -1.34 -5.30
C LYS A 244 -2.73 -1.32 -6.82
N CYS A 245 -3.80 -1.94 -7.32
CA CYS A 245 -3.94 -2.10 -8.76
C CYS A 245 -4.04 -0.73 -9.47
N PHE A 246 -4.95 0.13 -8.99
CA PHE A 246 -5.15 1.45 -9.59
C PHE A 246 -4.08 2.43 -9.06
N ALA A 247 -4.08 2.69 -7.74
CA ALA A 247 -3.23 3.78 -7.25
C ALA A 247 -1.73 3.53 -7.23
N LEU A 248 -1.29 2.28 -7.43
CA LEU A 248 0.14 2.05 -7.71
C LEU A 248 0.41 1.58 -9.14
N ARG A 249 -0.21 0.49 -9.57
CA ARG A 249 0.26 -0.06 -10.88
C ARG A 249 -0.20 0.77 -12.08
N ILE A 250 -1.51 1.00 -12.21
CA ILE A 250 -1.98 1.86 -13.31
C ILE A 250 -1.46 3.29 -13.14
N ALA A 251 -1.57 3.80 -11.91
CA ALA A 251 -1.23 5.20 -11.69
C ALA A 251 0.26 5.46 -11.89
N SER A 252 1.13 4.49 -11.55
CA SER A 252 2.56 4.75 -11.74
C SER A 252 2.90 4.97 -13.22
N ARG A 253 2.20 4.28 -14.10
CA ARG A 253 2.47 4.49 -15.51
C ARG A 253 1.92 5.81 -16.04
N LEU A 254 0.69 6.16 -15.62
CA LEU A 254 0.14 7.49 -15.90
C LEU A 254 1.05 8.59 -15.38
N ALA A 255 1.51 8.43 -14.15
CA ALA A 255 2.45 9.35 -13.56
C ALA A 255 3.71 9.56 -14.42
N LYS A 256 4.29 8.47 -14.93
CA LYS A 256 5.49 8.57 -15.75
C LYS A 256 5.22 9.35 -17.04
N GLU A 257 4.04 9.16 -17.61
CA GLU A 257 3.65 9.84 -18.85
C GLU A 257 3.28 11.29 -18.63
N GLU A 258 2.79 11.59 -17.43
CA GLU A 258 2.20 12.90 -17.13
C GLU A 258 3.03 13.79 -16.22
N GLY A 259 4.15 13.27 -15.73
CA GLY A 259 5.06 14.10 -14.95
C GLY A 259 4.93 14.06 -13.43
N TRP A 260 4.24 13.05 -12.88
CA TRP A 260 4.08 12.96 -11.43
C TRP A 260 4.54 11.63 -10.89
N LEU A 261 4.19 11.29 -9.65
CA LEU A 261 4.71 10.06 -9.02
C LEU A 261 3.62 9.36 -8.24
N ALA A 262 3.58 8.03 -8.33
CA ALA A 262 2.64 7.21 -7.53
C ALA A 262 3.45 6.20 -6.79
N GLU A 263 3.39 6.25 -5.47
CA GLU A 263 4.40 5.57 -4.67
C GLU A 263 3.84 4.88 -3.44
N HIS A 264 4.55 3.85 -2.97
CA HIS A 264 4.20 3.08 -1.77
C HIS A 264 4.74 3.77 -0.54
N MET A 265 4.15 4.93 -0.28
CA MET A 265 4.70 5.84 0.73
C MET A 265 3.62 6.33 1.69
N LEU A 266 3.93 6.30 2.97
CA LEU A 266 3.16 7.06 3.95
C LEU A 266 3.48 8.56 3.78
N ILE A 267 2.57 9.39 4.27
CA ILE A 267 2.79 10.85 4.30
C ILE A 267 2.42 11.29 5.72
N LEU A 268 3.36 11.99 6.40
CA LEU A 268 3.07 12.52 7.74
C LEU A 268 3.49 14.00 7.82
N GLY A 269 2.86 14.67 8.77
CA GLY A 269 3.23 16.03 9.14
C GLY A 269 3.83 16.00 10.54
N ILE A 270 4.99 16.59 10.67
CA ILE A 270 5.66 16.60 11.98
C ILE A 270 5.92 18.04 12.43
N THR A 271 5.52 18.34 13.66
CA THR A 271 5.66 19.70 14.19
C THR A 271 6.59 19.67 15.39
N ASN A 272 7.57 20.56 15.38
CA ASN A 272 8.55 20.62 16.46
C ASN A 272 8.08 21.51 17.62
N PRO A 273 8.88 21.60 18.70
CA PRO A 273 8.40 22.39 19.83
C PRO A 273 8.32 23.88 19.54
N GLU A 274 8.95 24.35 18.48
CA GLU A 274 8.83 25.76 18.08
C GLU A 274 7.59 26.03 17.26
N GLY A 275 6.83 24.99 16.95
CA GLY A 275 5.62 25.10 16.14
C GLY A 275 5.81 25.05 14.64
N LYS A 276 7.05 24.76 14.20
CA LYS A 276 7.39 24.64 12.78
CA LYS A 276 7.37 24.64 12.78
C LYS A 276 6.98 23.24 12.30
N LYS A 277 6.35 23.19 11.14
CA LYS A 277 5.80 21.93 10.66
C LYS A 277 6.41 21.58 9.31
N LYS A 278 6.74 20.28 9.13
CA LYS A 278 7.19 19.80 7.82
C LYS A 278 6.46 18.51 7.48
N TYR A 279 6.25 18.29 6.19
CA TYR A 279 5.71 16.98 5.79
C TYR A 279 6.83 16.11 5.21
N LEU A 280 6.74 14.82 5.56
CA LEU A 280 7.67 13.83 5.07
C LEU A 280 6.90 12.67 4.44
N ALA A 281 7.52 12.04 3.45
CA ALA A 281 6.97 10.80 2.85
C ALA A 281 7.99 9.70 3.14
N ALA A 282 7.52 8.44 3.32
CA ALA A 282 8.46 7.32 3.55
C ALA A 282 7.98 6.08 2.85
N ALA A 283 8.92 5.44 2.14
CA ALA A 283 8.69 4.18 1.42
C ALA A 283 9.39 3.05 2.16
N PHE A 284 8.62 2.18 2.80
CA PHE A 284 9.18 0.94 3.40
C PHE A 284 8.35 -0.19 2.80
N PRO A 285 8.97 -1.37 2.65
CA PRO A 285 8.18 -2.51 2.14
C PRO A 285 7.05 -2.93 3.09
N SER A 286 6.09 -3.71 2.55
CA SER A 286 5.10 -4.33 3.42
CA SER A 286 5.11 -4.37 3.38
C SER A 286 5.82 -5.01 4.57
N ALA A 287 5.23 -4.92 5.75
CA ALA A 287 5.70 -5.56 6.95
C ALA A 287 6.91 -4.87 7.57
N CYS A 288 7.19 -3.63 7.16
CA CYS A 288 8.34 -2.90 7.68
C CYS A 288 7.97 -1.61 8.41
N GLY A 289 6.69 -1.43 8.73
CA GLY A 289 6.32 -0.38 9.69
C GLY A 289 5.88 0.96 9.19
N LYS A 290 5.42 1.05 7.95
CA LYS A 290 4.89 2.35 7.52
C LYS A 290 3.75 2.80 8.43
N THR A 291 2.79 1.92 8.71
CA THR A 291 1.63 2.35 9.50
C THR A 291 2.02 2.85 10.91
N ASN A 292 3.03 2.23 11.50
CA ASN A 292 3.48 2.71 12.85
C ASN A 292 4.07 4.11 12.76
N LEU A 293 4.82 4.41 11.70
CA LEU A 293 5.46 5.69 11.57
C LEU A 293 4.42 6.76 11.23
N ALA A 294 3.49 6.41 10.33
CA ALA A 294 2.52 7.39 9.84
C ALA A 294 1.66 7.95 10.94
N MET A 295 1.45 7.15 11.97
CA MET A 295 0.54 7.43 13.10
C MET A 295 1.29 7.59 14.38
N MET A 296 2.59 7.78 14.30
CA MET A 296 3.46 7.84 15.47
C MET A 296 2.94 8.72 16.62
N ASN A 297 3.07 8.21 17.84
CA ASN A 297 3.02 9.05 19.03
C ASN A 297 4.46 9.31 19.49
N PRO A 298 4.99 10.50 19.21
CA PRO A 298 6.42 10.74 19.46
C PRO A 298 6.70 10.74 20.93
N THR A 299 7.80 10.12 21.34
CA THR A 299 8.17 10.13 22.76
CA THR A 299 8.22 10.10 22.74
C THR A 299 8.81 11.44 23.20
N LEU A 300 9.38 12.18 22.27
CA LEU A 300 9.99 13.49 22.60
C LEU A 300 8.97 14.52 22.98
N PRO A 301 9.16 15.19 24.13
CA PRO A 301 8.21 16.19 24.58
C PRO A 301 8.14 17.37 23.62
N GLY A 302 6.92 17.85 23.35
CA GLY A 302 6.72 19.02 22.52
C GLY A 302 6.67 18.77 21.03
N TRP A 303 6.85 17.51 20.62
CA TRP A 303 6.75 17.12 19.22
C TRP A 303 5.40 16.54 18.94
N LYS A 304 4.95 16.63 17.68
CA LYS A 304 3.67 16.08 17.31
C LYS A 304 3.77 15.52 15.88
N VAL A 305 3.12 14.38 15.67
CA VAL A 305 3.06 13.77 14.32
C VAL A 305 1.58 13.66 13.96
N GLU A 306 1.25 14.01 12.75
CA GLU A 306 -0.09 13.90 12.23
C GLU A 306 -0.03 13.10 10.92
N CYS A 307 -1.07 12.32 10.68
CA CYS A 307 -1.10 11.38 9.59
C CYS A 307 -1.89 11.92 8.40
N VAL A 308 -1.23 11.94 7.25
CA VAL A 308 -1.93 12.23 5.99
C VAL A 308 -2.37 10.93 5.31
N GLY A 309 -1.46 9.96 5.21
CA GLY A 309 -1.82 8.62 4.74
C GLY A 309 -0.76 7.64 5.21
N ASP A 310 -1.07 6.35 5.15
CA ASP A 310 -0.12 5.35 5.69
C ASP A 310 0.42 4.39 4.67
N ASP A 311 0.07 4.56 3.40
CA ASP A 311 0.37 3.48 2.44
C ASP A 311 0.70 3.93 1.01
N ILE A 312 -0.08 4.87 0.48
CA ILE A 312 0.05 5.32 -0.92
CA ILE A 312 0.13 5.32 -0.90
C ILE A 312 0.16 6.84 -0.98
N ALA A 313 1.07 7.33 -1.82
CA ALA A 313 1.25 8.78 -2.04
C ALA A 313 1.24 9.06 -3.53
N TRP A 314 0.47 10.09 -3.92
CA TRP A 314 0.57 10.63 -5.28
C TRP A 314 1.21 11.99 -5.16
N MET A 315 2.23 12.26 -5.93
CA MET A 315 3.05 13.47 -5.70
C MET A 315 3.32 14.17 -7.01
N LYS A 316 3.22 15.50 -7.02
CA LYS A 316 3.41 16.27 -8.28
C LYS A 316 3.98 17.62 -7.90
N PHE A 317 5.00 18.07 -8.64
CA PHE A 317 5.51 19.43 -8.42
C PHE A 317 4.45 20.48 -8.77
N ASP A 318 4.26 21.46 -7.89
CA ASP A 318 3.37 22.57 -8.21
C ASP A 318 4.12 23.68 -8.94
N ALA A 319 3.41 24.76 -9.26
CA ALA A 319 3.98 25.88 -10.01
C ALA A 319 5.16 26.55 -9.28
N GLN A 320 5.22 26.43 -7.95
CA GLN A 320 6.27 27.06 -7.14
C GLN A 320 7.49 26.13 -6.88
N GLY A 321 7.38 24.90 -7.36
CA GLY A 321 8.44 23.91 -7.20
C GLY A 321 8.29 23.01 -5.99
N ASN A 322 7.22 23.18 -5.22
CA ASN A 322 6.97 22.27 -4.10
C ASN A 322 6.53 20.90 -4.60
N LEU A 323 7.11 19.84 -4.04
CA LEU A 323 6.61 18.50 -4.33
C LEU A 323 5.37 18.27 -3.45
N ARG A 324 4.22 18.33 -4.06
CA ARG A 324 2.97 18.21 -3.32
C ARG A 324 2.49 16.77 -3.32
N ALA A 325 2.07 16.30 -2.16
CA ALA A 325 1.57 14.92 -2.02
C ALA A 325 0.14 14.87 -1.54
N ILE A 326 -0.63 13.98 -2.15
CA ILE A 326 -1.91 13.56 -1.59
C ILE A 326 -1.93 12.08 -1.27
N ASN A 327 -2.74 11.75 -0.30
CA ASN A 327 -3.12 10.37 -0.01
C ASN A 327 -4.38 10.06 -0.83
N PRO A 328 -4.25 9.16 -1.81
CA PRO A 328 -5.45 8.88 -2.61
C PRO A 328 -6.47 8.00 -1.89
N GLU A 329 -6.12 7.43 -0.74
CA GLU A 329 -7.01 6.54 0.00
C GLU A 329 -7.90 7.32 0.97
N ASN A 330 -8.91 6.63 1.50
CA ASN A 330 -9.88 7.25 2.43
C ASN A 330 -9.87 6.57 3.78
N GLY A 331 -8.99 5.59 3.93
CA GLY A 331 -8.98 4.77 5.13
C GLY A 331 -7.61 4.14 5.28
N PHE A 332 -7.47 3.34 6.33
CA PHE A 332 -6.26 2.54 6.54
C PHE A 332 -6.60 1.08 6.52
N PHE A 333 -5.82 0.33 5.74
CA PHE A 333 -6.00 -1.12 5.65
C PHE A 333 -4.77 -1.76 6.27
N GLY A 334 -4.75 -1.74 7.60
CA GLY A 334 -3.50 -2.00 8.30
C GLY A 334 -3.35 -3.40 8.85
N VAL A 335 -2.11 -3.88 8.87
CA VAL A 335 -1.81 -5.16 9.52
C VAL A 335 -2.20 -5.11 11.02
N ALA A 336 -2.98 -6.07 11.48
CA ALA A 336 -3.43 -6.09 12.88
C ALA A 336 -2.39 -6.66 13.86
N PRO A 337 -1.86 -7.86 13.62
CA PRO A 337 -0.88 -8.36 14.57
C PRO A 337 0.27 -7.43 14.79
N GLY A 338 0.70 -7.34 16.04
CA GLY A 338 1.75 -6.41 16.44
C GLY A 338 1.24 -5.02 16.79
N THR A 339 -0.03 -4.72 16.55
CA THR A 339 -0.60 -3.43 16.90
C THR A 339 -0.99 -3.42 18.37
N SER A 340 -0.40 -2.48 19.12
CA SER A 340 -0.67 -2.37 20.57
C SER A 340 -0.60 -0.92 21.01
N VAL A 341 -0.98 -0.66 22.26
CA VAL A 341 -0.81 0.69 22.83
C VAL A 341 0.65 1.12 22.73
N LYS A 342 1.58 0.17 22.90
CA LYS A 342 2.98 0.47 22.77
C LYS A 342 3.39 0.80 21.34
N THR A 343 2.92 0.01 20.37
CA THR A 343 3.52 0.14 19.02
C THR A 343 2.74 1.08 18.13
N ASN A 344 1.46 1.30 18.48
CA ASN A 344 0.63 2.15 17.64
C ASN A 344 -0.62 2.56 18.40
N PRO A 345 -0.45 3.39 19.43
CA PRO A 345 -1.59 3.78 20.23
C PRO A 345 -2.67 4.49 19.42
N ASN A 346 -2.29 5.24 18.38
CA ASN A 346 -3.29 6.00 17.66
C ASN A 346 -4.12 5.08 16.77
N ALA A 347 -3.51 3.98 16.29
CA ALA A 347 -4.31 2.95 15.58
C ALA A 347 -5.34 2.32 16.51
N ILE A 348 -4.93 2.00 17.73
CA ILE A 348 -5.85 1.41 18.70
C ILE A 348 -7.06 2.31 18.88
N LYS A 349 -6.86 3.63 18.97
CA LYS A 349 -8.02 4.52 19.15
C LYS A 349 -8.92 4.57 17.90
N THR A 350 -8.32 4.47 16.71
CA THR A 350 -9.05 4.61 15.45
C THR A 350 -10.00 3.42 15.20
N ILE A 351 -9.55 2.22 15.57
CA ILE A 351 -10.21 0.98 15.14
C ILE A 351 -11.32 0.46 16.07
N GLN A 352 -11.74 1.27 17.02
CA GLN A 352 -12.82 0.77 17.88
C GLN A 352 -14.21 1.12 17.48
N LYS A 353 -14.37 1.72 16.32
CA LYS A 353 -15.69 1.91 15.81
C LYS A 353 -15.65 1.90 14.30
N ASN A 354 -16.73 1.43 13.70
CA ASN A 354 -16.89 1.47 12.25
C ASN A 354 -15.76 0.82 11.49
N THR A 355 -15.23 -0.27 12.04
CA THR A 355 -14.05 -0.96 11.48
C THR A 355 -14.36 -2.42 11.17
N ILE A 356 -13.88 -2.85 9.98
CA ILE A 356 -13.97 -4.25 9.57
C ILE A 356 -12.62 -4.93 9.78
N PHE A 357 -12.61 -6.04 10.51
CA PHE A 357 -11.40 -6.84 10.80
C PHE A 357 -11.48 -8.13 9.98
N THR A 358 -10.34 -8.52 9.42
CA THR A 358 -10.27 -9.75 8.61
C THR A 358 -9.19 -10.66 9.16
N ASN A 359 -9.62 -11.88 9.54
CA ASN A 359 -8.69 -12.96 9.96
C ASN A 359 -8.00 -12.73 11.32
N VAL A 360 -8.62 -11.91 12.16
CA VAL A 360 -8.14 -11.80 13.57
C VAL A 360 -8.95 -12.73 14.45
N ALA A 361 -8.46 -12.88 15.68
CA ALA A 361 -9.16 -13.69 16.68
C ALA A 361 -10.26 -12.92 17.37
N GLU A 362 -11.21 -13.67 17.95
CA GLU A 362 -12.34 -13.06 18.64
C GLU A 362 -12.35 -13.54 20.08
N THR A 363 -12.49 -12.60 20.99
CA THR A 363 -12.61 -12.95 22.42
C THR A 363 -14.07 -13.23 22.76
N SER A 364 -14.28 -13.95 23.87
CA SER A 364 -15.61 -14.42 24.25
C SER A 364 -16.56 -13.30 24.64
N ASP A 365 -16.02 -12.13 24.94
CA ASP A 365 -16.84 -10.93 25.17
C ASP A 365 -17.04 -10.08 23.92
N GLY A 366 -16.68 -10.64 22.77
CA GLY A 366 -16.94 -9.97 21.47
C GLY A 366 -15.92 -8.94 21.00
N GLY A 367 -14.71 -9.07 21.52
CA GLY A 367 -13.58 -8.22 21.14
C GLY A 367 -12.65 -8.90 20.16
N VAL A 368 -11.55 -8.21 19.86
CA VAL A 368 -10.59 -8.74 18.89
C VAL A 368 -9.30 -9.08 19.57
N TYR A 369 -8.56 -10.03 18.99
CA TYR A 369 -7.28 -10.41 19.56
C TYR A 369 -6.30 -10.81 18.47
N TRP A 370 -5.02 -10.65 18.75
CA TRP A 370 -3.93 -11.02 17.86
C TRP A 370 -2.65 -11.07 18.60
N GLU A 371 -1.69 -11.78 18.03
CA GLU A 371 -0.31 -11.71 18.49
C GLU A 371 0.15 -10.27 18.62
N GLY A 372 0.83 -9.96 19.71
CA GLY A 372 1.33 -8.60 19.91
C GLY A 372 0.36 -7.53 20.39
N ILE A 373 -0.89 -7.89 20.70
CA ILE A 373 -1.84 -6.88 21.13
C ILE A 373 -1.44 -6.34 22.52
N ASP A 374 -0.74 -7.17 23.27
CA ASP A 374 -0.17 -6.72 24.57
C ASP A 374 -1.26 -6.18 25.52
N GLU A 375 -2.40 -6.88 25.58
CA GLU A 375 -3.46 -6.56 26.53
C GLU A 375 -3.92 -7.87 27.17
N PRO A 376 -3.66 -8.04 28.49
CA PRO A 376 -4.11 -9.28 29.10
C PRO A 376 -5.63 -9.39 29.13
N LEU A 377 -6.14 -10.60 29.02
CA LEU A 377 -7.56 -10.86 29.19
C LEU A 377 -7.83 -11.31 30.61
N ALA A 378 -9.01 -11.00 31.10
CA ALA A 378 -9.46 -11.47 32.43
C ALA A 378 -9.41 -12.98 32.46
N PRO A 379 -9.01 -13.59 33.62
CA PRO A 379 -9.13 -15.04 33.69
C PRO A 379 -10.54 -15.46 33.31
N GLY A 380 -10.67 -16.53 32.54
CA GLY A 380 -11.99 -16.99 32.11
C GLY A 380 -12.36 -16.57 30.70
N VAL A 381 -11.84 -15.43 30.22
CA VAL A 381 -12.13 -15.00 28.84
C VAL A 381 -11.37 -15.91 27.89
N THR A 382 -12.08 -16.41 26.89
CA THR A 382 -11.46 -17.36 25.97
C THR A 382 -11.34 -16.72 24.58
N ILE A 383 -10.59 -17.40 23.72
CA ILE A 383 -10.28 -16.89 22.39
C ILE A 383 -10.66 -17.88 21.31
N THR A 384 -11.33 -17.39 20.26
CA THR A 384 -11.62 -18.18 19.05
C THR A 384 -10.62 -17.72 17.99
N SER A 385 -9.81 -18.63 17.43
CA SER A 385 -8.85 -18.17 16.43
C SER A 385 -9.54 -17.72 15.14
N TRP A 386 -8.72 -17.18 14.24
CA TRP A 386 -9.19 -16.84 12.91
C TRP A 386 -9.59 -18.05 12.08
N LYS A 387 -9.24 -19.26 12.54
CA LYS A 387 -9.68 -20.51 11.92
C LYS A 387 -11.00 -21.02 12.52
N ASN A 388 -11.63 -20.21 13.37
CA ASN A 388 -12.90 -20.57 14.01
C ASN A 388 -12.80 -21.78 14.94
N LYS A 389 -11.67 -21.90 15.63
CA LYS A 389 -11.42 -22.96 16.61
C LYS A 389 -11.07 -22.28 17.92
N GLU A 390 -11.35 -22.97 19.02
CA GLU A 390 -10.91 -22.47 20.33
C GLU A 390 -9.37 -22.52 20.39
N TRP A 391 -8.78 -21.51 21.02
CA TRP A 391 -7.35 -21.31 20.97
C TRP A 391 -6.78 -20.90 22.30
N ARG A 392 -5.60 -21.41 22.65
CA ARG A 392 -4.88 -20.95 23.85
C ARG A 392 -3.43 -20.56 23.55
N PRO A 393 -2.84 -19.63 24.34
CA PRO A 393 -1.49 -19.12 24.02
C PRO A 393 -0.37 -20.13 23.78
N GLN A 394 -0.45 -21.32 24.39
CA GLN A 394 0.58 -22.34 24.15
C GLN A 394 0.45 -23.09 22.83
N ASP A 395 -0.69 -22.93 22.15
CA ASP A 395 -0.94 -23.60 20.87
C ASP A 395 0.17 -23.31 19.87
N GLU A 396 0.41 -24.25 18.96
CA GLU A 396 1.51 -24.14 18.00
C GLU A 396 1.35 -22.93 17.08
N GLU A 397 0.14 -22.72 16.59
CA GLU A 397 -0.12 -21.69 15.60
C GLU A 397 -0.71 -20.42 16.18
N PRO A 398 -0.56 -19.28 15.48
CA PRO A 398 -1.12 -18.02 15.99
C PRO A 398 -2.64 -17.94 15.99
N CYS A 399 -3.17 -17.07 16.86
CA CYS A 399 -4.60 -16.92 16.96
C CYS A 399 -5.13 -16.06 15.80
N ALA A 400 -4.27 -15.21 15.23
CA ALA A 400 -4.61 -14.41 14.06
C ALA A 400 -3.67 -14.73 12.91
N HIS A 401 -4.17 -14.64 11.68
CA HIS A 401 -3.27 -14.82 10.55
C HIS A 401 -2.25 -13.69 10.53
N PRO A 402 -0.99 -13.98 10.16
CA PRO A 402 0.05 -12.90 10.24
C PRO A 402 -0.21 -11.69 9.34
N ASN A 403 -1.01 -11.88 8.30
CA ASN A 403 -1.43 -10.79 7.42
C ASN A 403 -2.85 -10.34 7.65
N SER A 404 -3.43 -10.66 8.79
CA SER A 404 -4.79 -10.21 9.10
C SER A 404 -4.80 -8.67 9.20
N ARG A 405 -5.97 -8.07 8.95
CA ARG A 405 -6.03 -6.62 8.74
C ARG A 405 -7.21 -5.99 9.43
N PHE A 406 -7.07 -4.70 9.70
CA PHE A 406 -8.23 -3.88 9.99
C PHE A 406 -8.42 -2.96 8.81
N CYS A 407 -9.67 -2.52 8.64
CA CYS A 407 -10.03 -1.63 7.56
C CYS A 407 -10.88 -0.53 8.23
N THR A 408 -10.29 0.66 8.33
CA THR A 408 -10.86 1.68 9.23
C THR A 408 -10.88 3.07 8.55
N PRO A 409 -11.92 3.87 8.82
CA PRO A 409 -11.95 5.22 8.22
C PRO A 409 -10.81 6.13 8.68
N ALA A 410 -10.21 6.84 7.74
CA ALA A 410 -9.08 7.74 8.08
C ALA A 410 -9.57 8.92 8.92
N SER A 411 -10.81 9.32 8.72
CA SER A 411 -11.33 10.52 9.41
C SER A 411 -11.41 10.29 10.92
N GLN A 412 -11.34 9.03 11.33
CA GLN A 412 -11.46 8.63 12.75
C GLN A 412 -10.17 8.70 13.50
N CYS A 413 -9.08 8.91 12.77
CA CYS A 413 -7.78 8.86 13.41
C CYS A 413 -7.62 10.12 14.26
N PRO A 414 -7.30 9.95 15.55
CA PRO A 414 -7.20 11.13 16.43
C PRO A 414 -6.15 12.13 15.98
N ILE A 415 -5.16 11.68 15.21
CA ILE A 415 -4.10 12.58 14.71
C ILE A 415 -4.14 12.75 13.18
N ILE A 416 -5.31 12.51 12.58
CA ILE A 416 -5.40 12.75 11.13
C ILE A 416 -5.06 14.23 10.86
N ASP A 417 -4.20 14.48 9.88
CA ASP A 417 -3.69 15.82 9.60
C ASP A 417 -4.82 16.70 9.04
N PRO A 418 -4.82 17.98 9.41
CA PRO A 418 -5.90 18.81 8.89
C PRO A 418 -5.89 19.03 7.40
N ALA A 419 -4.75 18.82 6.76
CA ALA A 419 -4.67 18.88 5.32
C ALA A 419 -4.74 17.49 4.68
N TRP A 420 -5.18 16.45 5.40
CA TRP A 420 -5.23 15.13 4.78
C TRP A 420 -6.13 15.02 3.58
N GLU A 421 -7.09 15.95 3.40
CA GLU A 421 -7.93 15.99 2.20
C GLU A 421 -7.79 17.30 1.40
N SER A 422 -6.76 18.08 1.69
CA SER A 422 -6.53 19.29 0.92
CA SER A 422 -6.49 19.30 0.91
C SER A 422 -6.26 18.96 -0.57
N PRO A 423 -7.01 19.57 -1.48
CA PRO A 423 -6.94 19.14 -2.88
C PRO A 423 -5.62 19.42 -3.54
N GLU A 424 -4.88 20.41 -3.04
CA GLU A 424 -3.57 20.77 -3.58
C GLU A 424 -2.45 19.90 -3.03
N GLY A 425 -2.74 19.09 -2.02
CA GLY A 425 -1.67 18.24 -1.41
C GLY A 425 -0.79 19.01 -0.46
N VAL A 426 0.11 18.29 0.21
CA VAL A 426 0.96 18.88 1.27
C VAL A 426 2.43 18.92 0.77
N PRO A 427 3.22 19.93 1.20
CA PRO A 427 4.53 20.09 0.59
C PRO A 427 5.57 19.20 1.26
N ILE A 428 6.08 18.24 0.49
CA ILE A 428 7.04 17.24 1.01
C ILE A 428 8.47 17.81 1.04
N GLU A 429 9.10 17.76 2.21
CA GLU A 429 10.46 18.31 2.37
C GLU A 429 11.52 17.24 2.59
N GLY A 430 11.06 16.02 2.86
CA GLY A 430 12.00 14.89 2.94
C GLY A 430 11.32 13.62 2.48
N ILE A 431 12.10 12.70 1.91
CA ILE A 431 11.64 11.38 1.49
C ILE A 431 12.54 10.37 2.20
N ILE A 432 11.91 9.40 2.86
CA ILE A 432 12.65 8.40 3.65
C ILE A 432 12.48 7.02 3.03
N PHE A 433 13.60 6.32 2.87
CA PHE A 433 13.60 4.92 2.42
C PHE A 433 14.03 4.05 3.57
N GLY A 434 13.66 2.78 3.55
CA GLY A 434 14.14 1.88 4.60
C GLY A 434 13.45 0.54 4.55
N GLY A 435 14.04 -0.40 5.27
CA GLY A 435 13.41 -1.73 5.45
C GLY A 435 14.15 -2.47 6.53
N ARG A 436 14.06 -3.79 6.50
CA ARG A 436 14.64 -4.60 7.59
C ARG A 436 16.04 -5.09 7.22
N ARG A 437 17.05 -4.51 7.86
CA ARG A 437 18.41 -4.98 7.72
C ARG A 437 19.00 -5.34 9.08
N PRO A 438 19.19 -6.64 9.34
CA PRO A 438 19.67 -6.99 10.68
C PRO A 438 21.14 -6.66 10.92
N ALA A 439 21.90 -6.48 9.85
CA ALA A 439 23.32 -6.14 9.96
C ALA A 439 23.76 -4.99 9.03
N GLY A 440 24.83 -4.30 9.42
CA GLY A 440 25.60 -3.45 8.52
C GLY A 440 25.07 -2.05 8.25
N VAL A 441 23.75 -1.87 8.27
CA VAL A 441 23.17 -0.60 7.83
C VAL A 441 22.80 0.21 9.08
N PRO A 442 23.34 1.44 9.22
CA PRO A 442 23.07 2.20 10.44
C PRO A 442 21.65 2.71 10.55
N LEU A 443 21.32 3.18 11.74
CA LEU A 443 19.99 3.69 12.05
C LEU A 443 19.48 4.70 11.04
N VAL A 444 20.31 5.68 10.68
CA VAL A 444 19.88 6.72 9.76
C VAL A 444 21.03 7.30 8.99
N TYR A 445 20.85 7.48 7.69
CA TYR A 445 21.82 8.28 6.93
C TYR A 445 21.09 9.14 5.92
N GLU A 446 21.80 10.14 5.41
CA GLU A 446 21.26 11.12 4.47
C GLU A 446 22.03 11.06 3.18
N ALA A 447 21.29 11.05 2.07
CA ALA A 447 21.89 10.99 0.75
C ALA A 447 22.62 12.29 0.41
N LEU A 448 23.65 12.16 -0.44
CA LEU A 448 24.54 13.30 -0.74
C LEU A 448 23.98 14.26 -1.80
N SER A 449 23.00 13.79 -2.56
CA SER A 449 22.44 14.52 -3.70
C SER A 449 21.15 13.81 -4.10
N TRP A 450 20.41 14.39 -5.03
CA TRP A 450 19.22 13.74 -5.51
C TRP A 450 19.55 12.44 -6.20
N GLN A 451 20.61 12.45 -7.01
CA GLN A 451 20.99 11.25 -7.76
C GLN A 451 21.43 10.14 -6.81
N HIS A 452 22.27 10.46 -5.83
CA HIS A 452 22.57 9.49 -4.79
C HIS A 452 21.32 8.97 -4.09
N GLY A 453 20.39 9.86 -3.79
CA GLY A 453 19.12 9.50 -3.16
C GLY A 453 18.29 8.52 -3.97
N VAL A 454 18.22 8.75 -5.28
CA VAL A 454 17.50 7.83 -6.16
C VAL A 454 18.22 6.47 -6.16
N PHE A 455 19.55 6.49 -6.17
CA PHE A 455 20.31 5.24 -6.04
C PHE A 455 19.98 4.53 -4.71
N VAL A 456 19.92 5.28 -3.61
CA VAL A 456 19.58 4.68 -2.31
C VAL A 456 18.21 4.00 -2.38
N GLY A 457 17.24 4.65 -3.02
CA GLY A 457 15.93 4.01 -3.20
C GLY A 457 16.04 2.75 -4.05
N ALA A 458 16.80 2.88 -5.13
CA ALA A 458 17.03 1.75 -6.04
C ALA A 458 17.69 0.56 -5.42
N ALA A 459 18.56 0.79 -4.43
CA ALA A 459 19.37 -0.28 -3.84
C ALA A 459 18.70 -0.91 -2.65
N MET A 460 17.49 -0.46 -2.30
CA MET A 460 16.86 -0.95 -1.06
C MET A 460 16.77 -2.45 -1.01
N ARG A 461 17.06 -3.01 0.15
CA ARG A 461 16.92 -4.44 0.40
C ARG A 461 16.33 -4.64 1.77
N SER A 462 15.61 -5.74 1.94
CA SER A 462 14.89 -5.98 3.19
C SER A 462 14.72 -7.45 3.46
N GLU A 463 14.82 -7.83 4.72
CA GLU A 463 14.67 -9.22 5.10
C GLU A 463 13.19 -9.61 5.09
N GLY A 464 12.89 -10.61 4.26
CA GLY A 464 11.59 -11.31 4.28
C GLY A 464 11.82 -12.62 3.57
N GLY A 465 12.10 -13.67 4.35
CA GLY A 465 12.58 -14.94 3.79
C GLY A 465 13.91 -14.68 3.09
N GLY A 466 14.89 -14.24 3.88
CA GLY A 466 16.19 -13.83 3.35
C GLY A 466 16.12 -12.37 2.95
N ILE A 467 17.28 -11.75 2.79
CA ILE A 467 17.32 -10.36 2.36
C ILE A 467 17.06 -10.30 0.84
N MET A 468 16.05 -9.55 0.40
CA MET A 468 15.73 -9.45 -1.02
C MET A 468 15.67 -7.99 -1.41
N HIS A 469 15.90 -7.74 -2.69
CA HIS A 469 15.76 -6.39 -3.19
C HIS A 469 14.32 -5.97 -3.25
N ASP A 470 14.04 -4.74 -2.79
CA ASP A 470 12.72 -4.14 -2.89
C ASP A 470 12.87 -2.65 -3.20
N PRO A 471 13.30 -2.31 -4.42
CA PRO A 471 13.61 -0.93 -4.73
C PRO A 471 12.38 -0.06 -4.54
N PHE A 472 12.59 1.05 -3.83
CA PHE A 472 11.54 2.05 -3.53
C PHE A 472 10.34 1.49 -2.79
N ALA A 473 10.48 0.28 -2.21
CA ALA A 473 9.34 -0.45 -1.64
C ALA A 473 8.27 -0.77 -2.70
N MET A 474 8.69 -0.78 -3.99
CA MET A 474 7.74 -0.92 -5.10
C MET A 474 7.86 -2.22 -5.87
N ARG A 475 8.67 -3.14 -5.38
CA ARG A 475 8.91 -4.38 -6.15
C ARG A 475 7.65 -5.06 -6.72
N PRO A 476 6.56 -5.20 -5.92
CA PRO A 476 5.35 -5.88 -6.40
C PRO A 476 4.42 -4.96 -7.17
N PHE A 477 4.80 -3.69 -7.35
CA PHE A 477 3.88 -2.62 -7.74
C PHE A 477 4.26 -1.80 -8.96
N PHE A 478 5.44 -2.00 -9.56
CA PHE A 478 5.80 -1.21 -10.75
C PHE A 478 4.77 -1.39 -11.85
N GLY A 479 4.28 -0.29 -12.38
CA GLY A 479 3.32 -0.35 -13.51
C GLY A 479 3.99 -0.50 -14.86
N TYR A 480 5.31 -0.43 -14.90
CA TYR A 480 6.08 -0.38 -16.14
C TYR A 480 7.55 -0.66 -15.80
N ASN A 481 8.40 -0.73 -16.83
CA ASN A 481 9.82 -1.08 -16.70
C ASN A 481 10.52 -0.29 -15.61
N PHE A 482 11.09 -1.02 -14.63
CA PHE A 482 11.78 -0.40 -13.49
C PHE A 482 12.94 0.51 -13.90
N GLY A 483 13.65 0.16 -14.99
CA GLY A 483 14.73 1.08 -15.45
C GLY A 483 14.17 2.44 -15.84
N LYS A 484 13.03 2.44 -16.53
CA LYS A 484 12.40 3.68 -16.92
C LYS A 484 11.84 4.45 -15.75
N TYR A 485 11.39 3.72 -14.73
CA TYR A 485 10.95 4.36 -13.47
C TYR A 485 12.14 5.09 -12.82
N LEU A 486 13.31 4.45 -12.80
CA LEU A 486 14.52 5.14 -12.28
C LEU A 486 14.83 6.42 -13.07
N ALA A 487 14.75 6.33 -14.41
CA ALA A 487 15.01 7.48 -15.25
C ALA A 487 13.99 8.58 -14.94
N HIS A 488 12.73 8.19 -14.69
CA HIS A 488 11.70 9.16 -14.34
C HIS A 488 12.00 9.87 -13.04
N TRP A 489 12.36 9.12 -11.99
CA TRP A 489 12.79 9.75 -10.74
C TRP A 489 13.98 10.68 -10.93
N LEU A 490 14.98 10.23 -11.69
CA LEU A 490 16.18 11.04 -11.92
C LEU A 490 15.85 12.36 -12.63
N SER A 491 14.84 12.29 -13.51
CA SER A 491 14.45 13.46 -14.30
C SER A 491 13.87 14.60 -13.46
N MET A 492 13.42 14.29 -12.25
CA MET A 492 12.89 15.34 -11.38
CA MET A 492 12.90 15.34 -11.37
C MET A 492 13.92 16.44 -11.08
N ALA A 493 15.19 16.07 -11.11
CA ALA A 493 16.27 17.03 -10.87
C ALA A 493 16.35 18.07 -11.98
N HIS A 494 15.76 17.77 -13.14
CA HIS A 494 15.90 18.74 -14.23
CA HIS A 494 15.80 18.61 -14.37
C HIS A 494 14.70 19.62 -14.42
N ARG A 495 13.79 19.53 -13.48
CA ARG A 495 12.59 20.34 -13.51
C ARG A 495 13.01 21.71 -12.99
N PRO A 496 12.87 22.77 -13.82
CA PRO A 496 13.37 24.07 -13.32
C PRO A 496 12.68 24.51 -12.03
N ALA A 497 13.48 25.05 -11.11
CA ALA A 497 13.01 25.54 -9.80
C ALA A 497 12.37 24.50 -8.87
N ALA A 498 12.57 23.20 -9.16
CA ALA A 498 12.11 22.14 -8.28
C ALA A 498 12.73 22.30 -6.90
N LYS A 499 11.92 22.16 -5.85
CA LYS A 499 12.43 22.12 -4.48
C LYS A 499 12.56 20.66 -4.07
N LEU A 500 13.71 20.09 -4.37
CA LEU A 500 13.89 18.64 -4.23
C LEU A 500 13.99 18.28 -2.76
N PRO A 501 13.16 17.32 -2.31
CA PRO A 501 13.26 16.89 -0.91
C PRO A 501 14.63 16.29 -0.60
N LYS A 502 15.07 16.50 0.64
CA LYS A 502 16.21 15.72 1.20
C LYS A 502 15.81 14.24 1.25
N ILE A 503 16.74 13.35 0.93
CA ILE A 503 16.46 11.90 0.95
C ILE A 503 17.27 11.28 2.08
N PHE A 504 16.60 10.48 2.89
CA PHE A 504 17.22 9.71 3.97
C PHE A 504 16.92 8.23 3.81
N HIS A 505 17.72 7.43 4.52
CA HIS A 505 17.50 5.97 4.65
C HIS A 505 17.57 5.62 6.10
N VAL A 506 16.58 4.86 6.56
CA VAL A 506 16.55 4.39 7.93
C VAL A 506 16.66 2.88 8.05
N ASN A 507 17.02 2.44 9.25
CA ASN A 507 16.95 1.04 9.57
C ASN A 507 16.56 0.93 11.04
N TRP A 508 15.32 0.56 11.26
CA TRP A 508 14.86 0.31 12.63
C TRP A 508 15.32 -1.02 13.16
N PHE A 509 15.88 -1.88 12.32
CA PHE A 509 15.88 -3.30 12.57
C PHE A 509 17.28 -3.90 12.74
N ARG A 510 18.29 -3.05 12.97
CA ARG A 510 19.63 -3.59 13.15
C ARG A 510 19.69 -4.39 14.45
N LYS A 511 20.35 -5.54 14.38
CA LYS A 511 20.48 -6.45 15.55
C LYS A 511 21.91 -6.64 16.00
N ASP A 512 22.09 -6.88 17.31
CA ASP A 512 23.41 -7.26 17.77
C ASP A 512 23.68 -8.76 17.46
N LYS A 513 24.81 -9.29 17.96
CA LYS A 513 25.23 -10.67 17.60
C LYS A 513 24.29 -11.73 18.19
N ASN A 514 23.56 -11.38 19.23
CA ASN A 514 22.61 -12.31 19.84
C ASN A 514 21.22 -12.27 19.23
N GLY A 515 21.01 -11.39 18.24
CA GLY A 515 19.69 -11.25 17.63
C GLY A 515 18.76 -10.21 18.24
N LYS A 516 19.30 -9.39 19.15
CA LYS A 516 18.50 -8.40 19.85
C LYS A 516 18.48 -7.08 19.10
N PHE A 517 17.31 -6.46 18.94
CA PHE A 517 17.31 -5.14 18.30
C PHE A 517 18.18 -4.14 19.07
N LEU A 518 18.95 -3.38 18.33
CA LEU A 518 19.83 -2.37 18.93
C LEU A 518 19.07 -1.08 19.24
N TRP A 519 17.93 -0.86 18.59
CA TRP A 519 17.20 0.40 18.74
C TRP A 519 15.78 0.09 19.16
N PRO A 520 15.21 0.85 20.14
CA PRO A 520 13.88 0.50 20.65
C PRO A 520 12.73 0.83 19.70
N GLY A 521 12.94 1.78 18.78
CA GLY A 521 11.95 2.06 17.71
C GLY A 521 10.61 2.62 18.18
N PHE A 522 9.60 2.45 17.34
CA PHE A 522 8.25 2.96 17.54
C PHE A 522 8.31 4.44 17.89
N GLY A 523 7.67 4.88 18.98
CA GLY A 523 7.66 6.32 19.30
C GLY A 523 9.06 6.92 19.46
N GLU A 524 10.04 6.07 19.80
CA GLU A 524 11.45 6.54 19.92
C GLU A 524 12.04 6.95 18.57
N ASN A 525 11.41 6.55 17.46
CA ASN A 525 11.88 6.98 16.15
C ASN A 525 11.70 8.48 15.96
N SER A 526 10.89 9.10 16.84
CA SER A 526 10.80 10.54 16.87
C SER A 526 12.18 11.20 17.00
N ARG A 527 13.14 10.52 17.66
CA ARG A 527 14.51 11.07 17.80
C ARG A 527 15.24 11.14 16.46
N VAL A 528 14.92 10.17 15.60
CA VAL A 528 15.48 10.17 14.26
C VAL A 528 14.81 11.26 13.39
N LEU A 529 13.48 11.39 13.50
CA LEU A 529 12.79 12.44 12.76
C LEU A 529 13.26 13.85 13.17
N GLU A 530 13.55 14.04 14.47
CA GLU A 530 14.10 15.31 14.92
C GLU A 530 15.41 15.63 14.18
N TRP A 531 16.28 14.62 14.04
CA TRP A 531 17.54 14.81 13.31
C TRP A 531 17.29 15.17 11.86
N MET A 532 16.37 14.46 11.18
CA MET A 532 16.01 14.80 9.79
C MET A 532 15.49 16.23 9.64
N PHE A 533 14.61 16.62 10.56
CA PHE A 533 14.00 17.95 10.58
C PHE A 533 15.12 19.02 10.64
N GLY A 534 16.06 18.81 11.57
CA GLY A 534 17.16 19.79 11.75
C GLY A 534 18.04 19.83 10.52
N ARG A 535 18.26 18.67 9.90
CA ARG A 535 19.00 18.59 8.64
C ARG A 535 18.32 19.33 7.50
N ILE A 536 16.98 19.24 7.39
CA ILE A 536 16.28 19.96 6.36
C ILE A 536 16.46 21.47 6.61
N GLU A 537 16.52 21.84 7.89
CA GLU A 537 16.78 23.25 8.29
C GLU A 537 18.22 23.70 8.13
N GLY A 538 19.11 22.78 7.77
CA GLY A 538 20.52 23.07 7.47
C GLY A 538 21.37 23.10 8.73
N GLU A 539 20.94 22.46 9.79
CA GLU A 539 21.78 22.37 10.99
C GLU A 539 23.04 21.55 10.77
N ASP A 540 24.13 21.95 11.44
CA ASP A 540 25.45 21.34 11.26
C ASP A 540 25.55 20.17 12.22
N SER A 541 24.69 19.17 11.94
CA SER A 541 24.50 18.04 12.85
C SER A 541 24.93 16.69 12.22
N ALA A 542 25.60 16.78 11.08
CA ALA A 542 25.98 15.63 10.27
C ALA A 542 27.50 15.40 10.15
N LYS A 543 27.88 14.13 10.10
CA LYS A 543 29.22 13.66 9.81
C LYS A 543 29.20 12.90 8.49
N LEU A 544 30.14 13.24 7.61
CA LEU A 544 30.25 12.57 6.32
C LEU A 544 30.86 11.17 6.48
N THR A 545 30.29 10.19 5.78
CA THR A 545 30.78 8.84 5.74
C THR A 545 30.70 8.38 4.29
N PRO A 546 31.26 7.19 3.97
CA PRO A 546 31.15 6.71 2.59
C PRO A 546 29.71 6.48 2.13
N ILE A 547 28.76 6.29 3.04
CA ILE A 547 27.42 5.92 2.60
C ILE A 547 26.50 7.15 2.54
N GLY A 548 27.03 8.28 2.99
CA GLY A 548 26.19 9.49 3.14
C GLY A 548 26.48 10.13 4.49
N TYR A 549 25.66 11.10 4.86
CA TYR A 549 25.79 11.73 6.17
C TYR A 549 25.09 10.98 7.24
N VAL A 550 25.70 10.93 8.41
CA VAL A 550 25.09 10.37 9.60
C VAL A 550 25.10 11.38 10.74
N PRO A 551 24.35 11.10 11.80
CA PRO A 551 24.42 12.06 12.93
C PRO A 551 25.83 12.13 13.50
N LYS A 552 26.26 13.35 13.79
CA LYS A 552 27.43 13.52 14.66
C LYS A 552 27.24 12.84 16.00
N GLU A 553 28.36 12.58 16.68
CA GLU A 553 28.34 12.15 18.07
C GLU A 553 27.56 13.22 18.84
N ASP A 554 26.64 12.78 19.69
CA ASP A 554 25.82 13.70 20.47
C ASP A 554 24.76 14.49 19.68
N ALA A 555 24.63 14.22 18.37
CA ALA A 555 23.62 14.93 17.58
C ALA A 555 22.22 14.41 17.88
N LEU A 556 22.08 13.10 18.05
CA LEU A 556 20.76 12.54 18.40
C LEU A 556 20.42 12.70 19.86
N ASN A 557 19.17 13.02 20.15
CA ASN A 557 18.70 13.04 21.54
C ASN A 557 18.54 11.61 22.00
N LEU A 558 19.44 11.20 22.90
CA LEU A 558 19.39 9.84 23.45
C LEU A 558 19.01 9.84 24.92
N LYS A 559 18.50 10.97 25.40
CA LYS A 559 18.10 11.06 26.82
C LYS A 559 16.95 10.09 27.08
N GLY A 560 17.09 9.28 28.11
CA GLY A 560 16.09 8.23 28.35
C GLY A 560 16.53 6.89 27.76
N LEU A 561 17.54 6.91 26.88
CA LEU A 561 18.08 5.69 26.23
C LEU A 561 19.59 5.47 26.45
N GLY A 562 20.04 5.56 27.71
CA GLY A 562 21.48 5.39 28.01
C GLY A 562 22.07 4.02 27.77
N ASP A 563 21.23 3.01 27.66
CA ASP A 563 21.70 1.67 27.41
C ASP A 563 21.85 1.35 25.91
N VAL A 564 21.62 2.34 25.04
CA VAL A 564 21.80 2.12 23.59
C VAL A 564 23.30 1.95 23.24
N ASN A 565 23.62 0.88 22.52
CA ASN A 565 24.99 0.64 22.02
C ASN A 565 25.22 1.44 20.75
N VAL A 566 25.62 2.70 20.94
CA VAL A 566 25.78 3.66 19.87
C VAL A 566 26.85 3.24 18.85
N GLU A 567 27.97 2.68 19.31
CA GLU A 567 29.05 2.19 18.46
C GLU A 567 28.54 1.17 17.45
N GLU A 568 27.81 0.18 17.93
CA GLU A 568 27.32 -0.88 17.05
C GLU A 568 26.16 -0.39 16.18
N LEU A 569 25.25 0.38 16.76
CA LEU A 569 24.09 0.85 15.98
C LEU A 569 24.49 1.74 14.80
N PHE A 570 25.50 2.58 15.03
CA PHE A 570 25.93 3.55 14.05
CA PHE A 570 25.90 3.51 13.97
C PHE A 570 27.17 3.11 13.22
N GLY A 571 27.74 1.94 13.56
CA GLY A 571 28.94 1.43 12.86
C GLY A 571 28.80 1.15 11.37
N ILE A 572 29.87 1.44 10.62
CA ILE A 572 29.97 1.22 9.18
C ILE A 572 31.24 0.41 8.92
N SER A 573 31.09 -0.78 8.37
CA SER A 573 32.21 -1.70 8.14
C SER A 573 32.57 -1.67 6.66
N LYS A 574 33.85 -1.47 6.37
CA LYS A 574 34.34 -1.57 4.99
CA LYS A 574 34.35 -1.56 4.99
C LYS A 574 33.96 -2.91 4.35
N GLU A 575 34.16 -4.02 5.10
CA GLU A 575 33.90 -5.31 4.50
C GLU A 575 32.42 -5.53 4.18
N PHE A 576 31.56 -5.09 5.10
CA PHE A 576 30.12 -5.19 4.85
C PHE A 576 29.74 -4.40 3.58
N TRP A 577 30.25 -3.18 3.49
CA TRP A 577 29.87 -2.33 2.37
C TRP A 577 30.48 -2.71 1.06
N GLU A 578 31.66 -3.35 1.09
CA GLU A 578 32.23 -3.94 -0.15
C GLU A 578 31.33 -5.04 -0.70
N LYS A 579 30.84 -5.90 0.22
CA LYS A 579 29.92 -6.97 -0.16
CA LYS A 579 29.92 -6.98 -0.14
C LYS A 579 28.62 -6.37 -0.64
N GLU A 580 28.21 -5.27 -0.01
CA GLU A 580 26.91 -4.67 -0.37
C GLU A 580 26.96 -4.14 -1.79
N VAL A 581 28.03 -3.41 -2.12
CA VAL A 581 28.15 -2.89 -3.50
C VAL A 581 28.31 -4.00 -4.50
N GLU A 582 29.02 -5.07 -4.14
CA GLU A 582 29.19 -6.28 -4.98
CA GLU A 582 29.14 -6.18 -5.11
C GLU A 582 27.79 -6.85 -5.35
N GLU A 583 26.98 -7.03 -4.31
CA GLU A 583 25.64 -7.57 -4.47
C GLU A 583 24.72 -6.65 -5.29
N ILE A 584 24.75 -5.34 -5.01
CA ILE A 584 23.89 -4.40 -5.75
C ILE A 584 24.28 -4.45 -7.23
N ASP A 585 25.59 -4.52 -7.52
CA ASP A 585 26.09 -4.52 -8.91
C ASP A 585 25.51 -5.74 -9.66
N LYS A 586 25.60 -6.90 -9.02
CA LYS A 586 25.12 -8.15 -9.61
C LYS A 586 23.61 -8.05 -9.85
N TYR A 587 22.88 -7.48 -8.90
CA TYR A 587 21.43 -7.39 -9.03
C TYR A 587 21.03 -6.47 -10.17
N LEU A 588 21.59 -5.26 -10.20
CA LEU A 588 21.24 -4.32 -11.27
C LEU A 588 21.60 -4.86 -12.65
N GLU A 589 22.73 -5.55 -12.75
CA GLU A 589 23.15 -6.10 -14.05
C GLU A 589 22.20 -7.21 -14.52
N ASP A 590 21.82 -8.07 -13.59
CA ASP A 590 20.93 -9.19 -13.91
C ASP A 590 19.54 -8.66 -14.24
N GLN A 591 19.02 -7.78 -13.37
CA GLN A 591 17.58 -7.50 -13.39
C GLN A 591 17.21 -6.28 -14.18
N VAL A 592 18.17 -5.38 -14.40
CA VAL A 592 17.85 -4.12 -15.08
C VAL A 592 18.65 -3.91 -16.37
N ASN A 593 19.94 -4.26 -16.31
CA ASN A 593 20.83 -4.32 -17.48
C ASN A 593 20.70 -3.14 -18.44
N ALA A 594 20.22 -3.38 -19.67
CA ALA A 594 20.21 -2.35 -20.69
C ALA A 594 19.30 -1.18 -20.35
N ASP A 595 18.40 -1.38 -19.39
CA ASP A 595 17.47 -0.31 -19.00
C ASP A 595 17.96 0.52 -17.81
N LEU A 596 19.16 0.22 -17.33
CA LEU A 596 19.73 0.99 -16.22
C LEU A 596 20.21 2.37 -16.65
N PRO A 597 19.68 3.44 -16.04
CA PRO A 597 20.21 4.76 -16.39
C PRO A 597 21.67 4.96 -15.98
N TYR A 598 22.42 5.73 -16.78
CA TYR A 598 23.83 5.98 -16.45
C TYR A 598 24.01 6.54 -15.05
N GLU A 599 23.15 7.46 -14.62
CA GLU A 599 23.36 8.04 -13.30
C GLU A 599 23.28 7.00 -12.18
N ILE A 600 22.51 5.91 -12.36
CA ILE A 600 22.49 4.89 -11.29
C ILE A 600 23.81 4.13 -11.27
N GLU A 601 24.30 3.78 -12.46
CA GLU A 601 25.60 3.12 -12.57
C GLU A 601 26.70 4.01 -11.95
N ARG A 602 26.65 5.32 -12.23
CA ARG A 602 27.64 6.24 -11.66
C ARG A 602 27.59 6.29 -10.14
N GLU A 603 26.36 6.34 -9.59
CA GLU A 603 26.27 6.36 -8.13
C GLU A 603 26.78 5.08 -7.53
N LEU A 604 26.58 3.95 -8.20
CA LEU A 604 27.14 2.71 -7.67
C LEU A 604 28.67 2.78 -7.65
N ARG A 605 29.26 3.29 -8.73
CA ARG A 605 30.71 3.46 -8.80
CA ARG A 605 30.72 3.42 -8.77
C ARG A 605 31.21 4.42 -7.73
N ALA A 606 30.47 5.53 -7.53
CA ALA A 606 30.90 6.51 -6.52
C ALA A 606 30.91 5.93 -5.12
N LEU A 607 29.90 5.12 -4.80
CA LEU A 607 29.79 4.49 -3.48
C LEU A 607 30.96 3.51 -3.35
N LYS A 608 31.19 2.74 -4.41
CA LYS A 608 32.30 1.77 -4.40
C LYS A 608 33.61 2.52 -4.13
N GLN A 609 33.78 3.68 -4.79
CA GLN A 609 35.02 4.43 -4.66
C GLN A 609 35.19 4.98 -3.25
N ARG A 610 34.10 5.48 -2.66
CA ARG A 610 34.20 6.01 -1.30
C ARG A 610 34.56 4.89 -0.32
N ILE A 611 34.00 3.71 -0.52
CA ILE A 611 34.28 2.58 0.37
C ILE A 611 35.77 2.19 0.23
N SER A 612 36.29 2.27 -0.99
CA SER A 612 37.69 1.91 -1.24
CA SER A 612 37.71 1.96 -1.27
C SER A 612 38.65 2.78 -0.41
N GLN A 613 38.25 4.00 -0.07
CA GLN A 613 39.09 4.93 0.69
C GLN A 613 39.06 4.72 2.20
N MET A 614 38.23 3.78 2.65
CA MET A 614 38.21 3.41 4.06
C MET A 614 39.46 2.63 4.42
PG GTP B . 1.61 -2.67 4.52
O1G GTP B . 2.11 -1.81 3.38
O2G GTP B . 0.42 -2.12 5.19
O3G GTP B . 1.45 -4.13 4.18
O3B GTP B . 2.82 -2.69 5.63
PB GTP B . 3.43 -1.58 6.66
O1B GTP B . 4.62 -0.95 6.10
O2B GTP B . 2.36 -0.68 7.18
O3A GTP B . 3.96 -2.63 7.78
PA GTP B . 3.28 -3.42 9.02
O1A GTP B . 3.25 -4.85 8.63
O2A GTP B . 2.08 -2.71 9.51
O5' GTP B . 4.51 -3.15 10.03
C5' GTP B . 4.38 -3.80 11.32
C4' GTP B . 5.68 -4.57 11.53
O4' GTP B . 6.82 -3.68 11.63
C3' GTP B . 5.65 -5.31 12.87
O3' GTP B . 6.49 -6.47 12.77
C2' GTP B . 6.30 -4.28 13.78
O2' GTP B . 6.83 -4.82 15.01
C1' GTP B . 7.42 -3.75 12.94
N9 GTP B . 7.84 -2.38 13.29
C8 GTP B . 7.24 -1.20 12.94
N7 GTP B . 7.97 -0.19 13.40
C5 GTP B . 9.04 -0.70 14.08
C6 GTP B . 10.19 -0.19 14.84
O6 GTP B . 10.39 1.01 15.00
N1 GTP B . 11.05 -1.11 15.35
C2 GTP B . 10.85 -2.43 15.20
N2 GTP B . 11.76 -3.27 15.76
N3 GTP B . 9.82 -3.00 14.54
C4 GTP B . 8.94 -2.14 13.97
MN MN C . 1.27 -1.45 1.41
MN MN D . 0.31 -0.51 6.61
NA NA E . -16.06 -16.49 6.80
C1 SPV F . 0.83 -4.35 1.01
O1 SPV F . 1.73 -3.45 0.84
O2' SPV F . 0.96 -5.60 0.77
C2 SPV F . -0.47 -3.89 1.58
C3 SPV F . -1.69 -4.83 1.73
O2 SPV F . -0.64 -2.72 1.91
S SPV F . -2.63 -5.08 0.31
O1S SPV F . -1.68 -5.36 -0.86
O2S SPV F . -3.42 -6.22 0.64
O3S SPV F . -3.45 -3.90 0.16
OH2 1PE G . -15.84 -20.71 -18.57
C12 1PE G . -16.07 -21.71 -17.57
C22 1PE G . -15.67 -21.18 -16.19
OH3 1PE G . -16.07 -22.13 -15.19
C23 1PE G . -15.18 -23.24 -15.04
#